data_8TLM
#
_entry.id   8TLM
#
_cell.length_a   1.00
_cell.length_b   1.00
_cell.length_c   1.00
_cell.angle_alpha   90.00
_cell.angle_beta   90.00
_cell.angle_gamma   90.00
#
_symmetry.space_group_name_H-M   'P 1'
#
loop_
_entity.id
_entity.type
_entity.pdbx_description
1 polymer 'Fab heavy chain'
2 polymer 'Fab light chain'
3 polymer 'C-C chemokine receptor type 8, Green fluorescent protein fusion'
#
loop_
_entity_poly.entity_id
_entity_poly.type
_entity_poly.pdbx_seq_one_letter_code
_entity_poly.pdbx_strand_id
1 'polypeptide(L)'
;QSVEESGGRLVTPGTPLTLTCTVSGFSLSNYAMIWVRQAPGEGLEWVGTISLGGYTYYANWAKGRFTISKTSTTVDLKIS
SPTTEDTATYFCARARWSTDSAIYTYAFDPWGPGTLVTVSSASTKGPSVFPLAPSSKSTSGGTAALGCLVKDYFPEPVTV
SWNSGALTSGVHTFPAVLQSSGLYSLSSVVTVPSSSLGTQTYICNVNHKPSNTKVDKKVEPKSCD
;
A
2 'polypeptide(L)'
;AYDMTQTPASVEVAVGGTVTIKCQASQSISSYLSWYQQKPGQRPELLIYKASTLASGVSSRFKGSGSGTQFTLTISDLEA
ADAATYYCQQGYTSSNIDNIFGGGTEVVVKRTVAAPSVFIFPPSDEQLKSGTASVVCLLNNFYPREAKVQWKVDNALQSG
NSQESVTEQDSKDSTYSLSSTLTLSKADYEKHKVYACEVTHQGLSSPVTKSFNRGEC
;
B
3 'polypeptide(L)'
;MKTIIALSYIFCLVFADYKDDDDKGSENLYFQSGSMDYTLDLSVTTVTDYYYPDIFSSPCDAELIQTNGKLLLAVFYCLL
FVFSLLGNSLVILVLVVCKKLRSITDVYLLNLALSDLLFVFSFPFQTYYLLDQWVFGTVMCKVVSGFYYIGFYSSMFFIT
LMSVDRYLAVVHAVYALKVRTIRMGTTLCLAVWLTAIMATIPLLVFYQVASEDGVLQCYSFYNQQTLKWKIFTNFKMNIL
GLLIPFTIFMFCYIKILHQLKRCQNHNKTKAIRLVLIVVIASLLFWVPFNVVLFLTSLHSMHILDGCSISQQLTYATHVT
EIISFTHCCVNPVIYAFVGEKFKKHLSEIFQKSCSQIFNYLGRQMPRESCEKSSSCQQHSSRSSSVDYILGNSLEVLFQG
PMVSKGEELFTGVVPILVELDGDVNGHKFSVSGEGEGDATYGKLTLKLICTTGKLPVPWPTLVTTLGYGLQCFARYPDHM
KQHDFFKSAMPEGYVQERTIFFKDDGNYKTRAEVKFEGDTLVNRIELKGIDFKEDGNILGHKLEYNYNSHNVYITADKQK
NGIKANFKIRHNIEDGGVQLADHYQQNTPIGDGPVLLPDNHYLSYQSKLSKDPNEKRDHMVLLEFVTAAGITLGMDELYK
GSAWSHPQFEKGGGSGGGSGGSAWSHPQFEK
;
C
#
# COMPACT_ATOMS: atom_id res chain seq x y z
N GLN A 1 8.64 -13.72 -5.30
CA GLN A 1 8.76 -12.51 -4.44
C GLN A 1 8.70 -12.91 -2.97
N SER A 2 9.59 -12.34 -2.16
CA SER A 2 9.66 -12.68 -0.75
C SER A 2 10.21 -11.49 0.02
N VAL A 3 9.69 -11.31 1.23
CA VAL A 3 10.16 -10.29 2.15
C VAL A 3 10.40 -10.95 3.51
N GLU A 4 11.56 -10.68 4.10
CA GLU A 4 11.94 -11.27 5.38
C GLU A 4 12.32 -10.17 6.35
N GLU A 5 11.76 -10.23 7.56
CA GLU A 5 12.02 -9.23 8.59
C GLU A 5 13.10 -9.74 9.54
N SER A 6 13.85 -8.79 10.10
CA SER A 6 14.89 -9.11 11.07
C SER A 6 15.06 -7.92 12.00
N GLY A 7 15.61 -8.19 13.19
CA GLY A 7 15.87 -7.17 14.18
C GLY A 7 15.09 -7.30 15.47
N GLY A 8 14.18 -8.27 15.56
CA GLY A 8 13.45 -8.48 16.80
C GLY A 8 14.38 -8.75 17.96
N ARG A 9 14.18 -8.06 19.07
CA ARG A 9 15.12 -8.12 20.18
C ARG A 9 14.43 -7.66 21.45
N LEU A 10 15.05 -7.96 22.59
CA LEU A 10 14.64 -7.45 23.88
C LEU A 10 15.49 -6.21 24.19
N VAL A 11 14.86 -5.05 24.21
CA VAL A 11 15.54 -3.78 24.32
C VAL A 11 14.99 -3.03 25.52
N THR A 12 15.88 -2.45 26.32
CA THR A 12 15.43 -1.72 27.50
C THR A 12 14.67 -0.47 27.08
N PRO A 13 13.77 0.04 27.94
CA PRO A 13 12.96 1.19 27.53
C PRO A 13 13.76 2.47 27.44
N GLY A 14 14.01 2.94 26.22
CA GLY A 14 14.71 4.21 26.04
C GLY A 14 15.85 4.15 25.05
N THR A 15 16.35 2.94 24.74
CA THR A 15 17.46 2.81 23.81
C THR A 15 16.95 2.54 22.41
N PRO A 16 17.47 3.24 21.39
CA PRO A 16 16.87 3.13 20.05
C PRO A 16 16.98 1.72 19.49
N LEU A 17 16.02 1.38 18.62
CA LEU A 17 15.97 0.09 17.96
C LEU A 17 15.89 0.29 16.45
N THR A 18 16.22 -0.76 15.71
CA THR A 18 16.15 -0.69 14.25
C THR A 18 15.84 -2.07 13.70
N LEU A 19 14.81 -2.15 12.87
CA LEU A 19 14.41 -3.38 12.20
C LEU A 19 14.65 -3.25 10.70
N THR A 20 14.94 -4.37 10.06
CA THR A 20 15.23 -4.39 8.63
C THR A 20 14.30 -5.38 7.93
N CYS A 21 14.04 -5.10 6.66
CA CYS A 21 13.13 -5.88 5.83
C CYS A 21 13.86 -6.11 4.50
N THR A 22 14.39 -7.32 4.33
CA THR A 22 15.08 -7.65 3.10
C THR A 22 14.11 -8.22 2.08
N VAL A 23 14.40 -7.96 0.81
CA VAL A 23 13.49 -8.22 -0.30
C VAL A 23 14.19 -9.07 -1.34
N SER A 24 13.44 -9.97 -1.97
CA SER A 24 13.98 -10.78 -3.05
C SER A 24 12.91 -11.01 -4.10
N GLY A 25 13.30 -10.93 -5.37
CA GLY A 25 12.42 -11.22 -6.48
C GLY A 25 11.87 -10.02 -7.20
N PHE A 26 11.97 -8.82 -6.64
CA PHE A 26 11.43 -7.64 -7.28
C PHE A 26 12.23 -6.42 -6.87
N SER A 27 12.07 -5.35 -7.64
CA SER A 27 12.81 -4.11 -7.41
C SER A 27 12.00 -3.15 -6.57
N LEU A 28 12.67 -2.50 -5.63
CA LEU A 28 11.99 -1.56 -4.74
C LEU A 28 11.60 -0.27 -5.44
N SER A 29 12.24 0.06 -6.56
CA SER A 29 11.90 1.28 -7.28
C SER A 29 10.52 1.23 -7.90
N ASN A 30 9.93 0.04 -8.03
CA ASN A 30 8.64 -0.11 -8.69
C ASN A 30 7.47 -0.22 -7.73
N TYR A 31 7.71 -0.57 -6.46
CA TYR A 31 6.63 -0.80 -5.50
C TYR A 31 6.87 0.04 -4.25
N ALA A 32 5.79 0.26 -3.52
CA ALA A 32 5.83 0.91 -2.22
C ALA A 32 5.82 -0.14 -1.11
N MET A 33 6.39 0.21 0.04
CA MET A 33 6.54 -0.71 1.15
C MET A 33 5.83 -0.17 2.38
N ILE A 34 5.11 -1.07 3.05
CA ILE A 34 4.23 -0.74 4.17
C ILE A 34 4.75 -1.43 5.41
N TRP A 35 4.77 -0.71 6.53
CA TRP A 35 5.08 -1.28 7.84
C TRP A 35 3.81 -1.35 8.66
N VAL A 36 3.58 -2.49 9.30
CA VAL A 36 2.41 -2.69 10.14
C VAL A 36 2.86 -3.30 11.45
N ARG A 37 2.08 -3.12 12.50
CA ARG A 37 2.37 -3.72 13.79
C ARG A 37 1.09 -4.29 14.40
N GLN A 38 1.25 -5.38 15.12
CA GLN A 38 0.12 -6.08 15.74
C GLN A 38 0.51 -6.45 17.17
N ALA A 39 -0.23 -5.94 18.14
CA ALA A 39 -0.01 -6.34 19.51
C ALA A 39 -0.53 -7.78 19.71
N PRO A 40 0.02 -8.52 20.66
CA PRO A 40 -0.44 -9.90 20.87
C PRO A 40 -1.93 -9.96 21.15
N GLY A 41 -2.68 -10.58 20.26
CA GLY A 41 -4.10 -10.72 20.43
C GLY A 41 -4.91 -9.49 20.11
N GLU A 42 -4.44 -8.65 19.18
CA GLU A 42 -5.17 -7.45 18.79
C GLU A 42 -5.06 -7.27 17.28
N GLY A 43 -5.80 -6.28 16.77
CA GLY A 43 -5.87 -6.07 15.35
C GLY A 43 -4.66 -5.36 14.78
N LEU A 44 -4.61 -5.31 13.46
CA LEU A 44 -3.51 -4.67 12.76
C LEU A 44 -3.51 -3.16 13.00
N GLU A 45 -2.31 -2.58 13.00
CA GLU A 45 -2.15 -1.14 13.19
C GLU A 45 -1.08 -0.65 12.23
N TRP A 46 -1.51 0.07 11.19
CA TRP A 46 -0.57 0.67 10.25
C TRP A 46 0.29 1.71 10.96
N VAL A 47 1.59 1.67 10.68
CA VAL A 47 2.55 2.60 11.28
C VAL A 47 3.12 3.56 10.25
N GLY A 48 3.46 3.07 9.07
CA GLY A 48 4.08 3.94 8.08
C GLY A 48 4.16 3.30 6.71
N THR A 49 4.49 4.16 5.75
CA THR A 49 4.55 3.79 4.34
C THR A 49 5.69 4.55 3.69
N ILE A 50 6.37 3.90 2.75
CA ILE A 50 7.39 4.54 1.94
C ILE A 50 7.06 4.26 0.47
N SER A 51 7.03 5.31 -0.34
CA SER A 51 6.51 5.24 -1.69
C SER A 51 7.64 4.95 -2.68
N LEU A 52 7.34 5.09 -3.97
CA LEU A 52 8.33 4.81 -5.01
C LEU A 52 9.54 5.72 -4.89
N GLY A 53 9.31 7.03 -4.79
CA GLY A 53 10.39 8.00 -4.76
C GLY A 53 11.08 8.16 -3.44
N GLY A 54 10.53 7.58 -2.37
CA GLY A 54 11.16 7.68 -1.06
C GLY A 54 10.54 8.77 -0.20
N TYR A 55 9.23 8.95 -0.31
CA TYR A 55 8.50 9.88 0.54
C TYR A 55 7.77 9.08 1.61
N THR A 56 8.01 9.40 2.87
CA THR A 56 7.50 8.64 4.00
C THR A 56 6.23 9.27 4.53
N TYR A 57 5.25 8.42 4.86
CA TYR A 57 3.99 8.85 5.45
C TYR A 57 3.73 8.03 6.69
N TYR A 58 3.42 8.71 7.80
CA TYR A 58 3.25 8.07 9.10
C TYR A 58 1.85 8.30 9.63
N ALA A 59 1.39 7.37 10.47
CA ALA A 59 0.14 7.55 11.17
C ALA A 59 0.28 8.68 12.19
N ASN A 60 -0.86 9.22 12.62
CA ASN A 60 -0.84 10.39 13.50
C ASN A 60 -0.10 10.09 14.79
N TRP A 61 -0.33 8.92 15.38
CA TRP A 61 0.35 8.59 16.63
C TRP A 61 1.83 8.32 16.42
N ALA A 62 2.23 7.91 15.21
CA ALA A 62 3.60 7.53 14.93
C ALA A 62 4.48 8.68 14.46
N LYS A 63 3.92 9.87 14.26
CA LYS A 63 4.70 11.00 13.78
C LYS A 63 5.68 11.44 14.86
N GLY A 64 6.98 11.37 14.56
CA GLY A 64 8.01 11.83 15.46
C GLY A 64 8.71 10.74 16.25
N ARG A 65 8.17 9.51 16.26
CA ARG A 65 8.77 8.42 17.00
C ARG A 65 9.41 7.35 16.11
N PHE A 66 8.96 7.21 14.87
CA PHE A 66 9.49 6.23 13.94
C PHE A 66 10.07 6.94 12.73
N THR A 67 11.00 6.27 12.05
CA THR A 67 11.50 6.78 10.77
C THR A 67 11.83 5.63 9.83
N ILE A 68 11.37 5.74 8.59
CA ILE A 68 11.52 4.69 7.58
C ILE A 68 12.51 5.17 6.53
N SER A 69 13.39 4.27 6.12
CA SER A 69 14.34 4.55 5.06
C SER A 69 14.43 3.33 4.15
N LYS A 70 14.91 3.54 2.93
CA LYS A 70 15.04 2.46 1.96
C LYS A 70 16.40 2.50 1.30
N THR A 71 16.79 1.36 0.74
CA THR A 71 18.06 1.21 0.04
C THR A 71 17.80 0.34 -1.18
N SER A 72 18.88 -0.15 -1.79
CA SER A 72 18.74 -0.94 -3.01
C SER A 72 17.92 -2.21 -2.76
N THR A 73 18.14 -2.87 -1.61
CA THR A 73 17.56 -4.18 -1.34
C THR A 73 16.75 -4.26 -0.05
N THR A 74 17.00 -3.39 0.93
CA THR A 74 16.39 -3.50 2.24
C THR A 74 15.65 -2.21 2.60
N VAL A 75 14.68 -2.36 3.49
CA VAL A 75 13.91 -1.25 4.03
C VAL A 75 14.05 -1.27 5.54
N ASP A 76 14.45 -0.13 6.12
CA ASP A 76 14.73 -0.04 7.55
C ASP A 76 13.68 0.80 8.25
N LEU A 77 13.26 0.34 9.42
CA LEU A 77 12.39 1.10 10.31
C LEU A 77 13.11 1.30 11.63
N LYS A 78 13.36 2.56 11.99
CA LYS A 78 14.08 2.90 13.21
C LYS A 78 13.13 3.48 14.23
N ILE A 79 13.19 2.95 15.45
CA ILE A 79 12.42 3.44 16.59
C ILE A 79 13.37 4.25 17.44
N SER A 80 13.10 5.57 17.53
CA SER A 80 14.06 6.48 18.14
C SER A 80 14.20 6.23 19.63
N SER A 81 13.09 6.01 20.33
CA SER A 81 13.10 5.84 21.77
C SER A 81 11.92 4.98 22.16
N PRO A 82 12.07 3.65 22.12
CA PRO A 82 10.92 2.77 22.38
C PRO A 82 10.43 2.90 23.81
N THR A 83 9.13 2.74 23.98
CA THR A 83 8.49 2.69 25.28
C THR A 83 7.88 1.31 25.49
N THR A 84 7.42 1.08 26.72
CA THR A 84 6.95 -0.25 27.07
C THR A 84 5.71 -0.66 26.28
N GLU A 85 5.04 0.29 25.61
CA GLU A 85 3.87 -0.01 24.81
C GLU A 85 4.20 -0.33 23.36
N ASP A 86 5.48 -0.43 23.02
CA ASP A 86 5.92 -0.70 21.65
C ASP A 86 6.17 -2.18 21.39
N THR A 87 5.84 -3.06 22.34
CA THR A 87 6.08 -4.49 22.17
C THR A 87 5.01 -5.07 21.26
N ALA A 88 5.43 -5.69 20.16
CA ALA A 88 4.47 -6.20 19.19
C ALA A 88 5.17 -6.96 18.06
N THR A 89 4.38 -7.51 17.13
CA THR A 89 4.91 -8.17 15.95
C THR A 89 4.83 -7.19 14.78
N TYR A 90 5.95 -6.95 14.12
CA TYR A 90 6.04 -5.99 13.04
C TYR A 90 6.10 -6.74 11.70
N PHE A 91 5.20 -6.36 10.80
CA PHE A 91 5.10 -6.93 9.46
C PHE A 91 5.55 -5.91 8.41
N CYS A 92 6.06 -6.45 7.31
CA CYS A 92 6.56 -5.67 6.18
C CYS A 92 5.87 -6.17 4.93
N ALA A 93 5.18 -5.29 4.22
CA ALA A 93 4.34 -5.69 3.09
C ALA A 93 4.68 -4.85 1.86
N ARG A 94 4.33 -5.39 0.70
CA ARG A 94 4.53 -4.73 -0.58
C ARG A 94 3.18 -4.32 -1.15
N ALA A 95 3.07 -3.07 -1.59
CA ALA A 95 1.84 -2.57 -2.19
C ALA A 95 1.92 -2.73 -3.70
N ARG A 96 1.03 -3.54 -4.26
CA ARG A 96 1.08 -3.80 -5.71
C ARG A 96 0.64 -2.59 -6.51
N TRP A 97 -0.41 -1.90 -6.07
CA TRP A 97 -0.84 -0.64 -6.67
C TRP A 97 -0.53 0.49 -5.69
N SER A 98 0.09 1.55 -6.18
CA SER A 98 0.46 2.66 -5.33
C SER A 98 0.68 3.91 -6.18
N THR A 99 0.73 5.05 -5.50
CA THR A 99 1.02 6.32 -6.13
C THR A 99 2.14 6.99 -5.36
N ASP A 100 2.85 7.90 -6.03
CA ASP A 100 4.03 8.51 -5.42
C ASP A 100 3.64 9.37 -4.22
N SER A 101 2.40 9.85 -4.16
CA SER A 101 1.93 10.65 -3.04
C SER A 101 1.09 9.84 -2.05
N ALA A 102 1.06 8.52 -2.19
CA ALA A 102 0.44 7.59 -1.26
C ALA A 102 -1.08 7.55 -1.36
N ILE A 103 -1.67 8.03 -2.46
CA ILE A 103 -3.09 7.85 -2.72
C ILE A 103 -3.26 6.65 -3.64
N TYR A 104 -4.34 5.91 -3.43
CA TYR A 104 -4.60 4.70 -4.21
C TYR A 104 -3.46 3.70 -4.05
N THR A 105 -3.32 3.22 -2.81
CA THR A 105 -2.22 2.35 -2.39
C THR A 105 -2.78 1.11 -1.69
N TYR A 106 -3.72 0.43 -2.35
CA TYR A 106 -4.62 -0.50 -1.67
C TYR A 106 -4.06 -1.92 -1.52
N ALA A 107 -3.63 -2.55 -2.61
CA ALA A 107 -3.38 -4.00 -2.61
C ALA A 107 -2.02 -4.30 -2.00
N PHE A 108 -2.00 -5.02 -0.89
CA PHE A 108 -0.76 -5.41 -0.21
C PHE A 108 -0.55 -6.91 -0.39
N ASP A 109 0.48 -7.27 -1.13
CA ASP A 109 0.83 -8.68 -1.32
C ASP A 109 2.21 -8.79 -1.95
N PRO A 110 3.09 -9.68 -1.45
CA PRO A 110 2.96 -10.59 -0.32
C PRO A 110 3.32 -9.96 1.01
N TRP A 111 2.96 -10.60 2.11
CA TRP A 111 3.36 -10.17 3.44
C TRP A 111 4.62 -10.91 3.87
N GLY A 112 5.19 -10.48 4.99
CA GLY A 112 6.37 -11.11 5.54
C GLY A 112 6.09 -11.76 6.89
N PRO A 113 6.95 -12.68 7.30
CA PRO A 113 6.81 -13.26 8.65
C PRO A 113 7.23 -12.24 9.70
N GLY A 114 6.27 -11.76 10.48
CA GLY A 114 6.54 -10.64 11.36
C GLY A 114 7.65 -10.95 12.35
N THR A 115 8.28 -9.88 12.82
CA THR A 115 9.36 -9.97 13.80
C THR A 115 8.86 -9.41 15.13
N LEU A 116 9.16 -10.12 16.21
CA LEU A 116 8.61 -9.78 17.52
C LEU A 116 9.59 -8.88 18.26
N VAL A 117 9.10 -7.76 18.77
CA VAL A 117 9.91 -6.79 19.51
C VAL A 117 9.32 -6.68 20.91
N THR A 118 10.19 -6.78 21.92
CA THR A 118 9.81 -6.69 23.32
C THR A 118 10.61 -5.57 23.99
N VAL A 119 9.95 -4.82 24.86
CA VAL A 119 10.56 -3.71 25.58
C VAL A 119 10.26 -3.90 27.06
N SER A 120 11.30 -3.98 27.88
CA SER A 120 11.13 -4.17 29.31
C SER A 120 12.48 -4.01 29.98
N SER A 121 12.44 -3.89 31.31
CA SER A 121 13.64 -3.78 32.12
C SER A 121 14.03 -5.10 32.79
N ALA A 122 13.29 -6.16 32.55
CA ALA A 122 13.58 -7.46 33.13
C ALA A 122 14.60 -8.19 32.26
N SER A 123 15.55 -8.85 32.91
CA SER A 123 16.60 -9.56 32.19
C SER A 123 16.08 -10.89 31.66
N THR A 124 16.78 -11.43 30.67
CA THR A 124 16.41 -12.70 30.08
C THR A 124 16.60 -13.84 31.08
N LYS A 125 15.74 -14.85 30.97
CA LYS A 125 15.83 -16.01 31.83
C LYS A 125 15.53 -17.26 31.02
N GLY A 126 16.10 -18.38 31.44
CA GLY A 126 15.90 -19.63 30.76
C GLY A 126 14.74 -20.41 31.32
N PRO A 127 14.03 -21.15 30.47
CA PRO A 127 12.85 -21.88 30.94
C PRO A 127 13.23 -23.02 31.86
N SER A 128 12.27 -23.41 32.71
CA SER A 128 12.37 -24.61 33.53
C SER A 128 11.33 -25.60 33.05
N VAL A 129 11.75 -26.82 32.74
CA VAL A 129 10.89 -27.84 32.13
C VAL A 129 10.60 -28.91 33.16
N PHE A 130 9.32 -29.26 33.31
CA PHE A 130 8.90 -30.32 34.21
C PHE A 130 7.99 -31.30 33.47
N PRO A 131 8.01 -32.58 33.83
CA PRO A 131 7.16 -33.54 33.13
C PRO A 131 5.79 -33.72 33.77
N LEU A 132 4.72 -33.58 32.99
CA LEU A 132 3.38 -33.96 33.40
C LEU A 132 3.17 -35.39 32.90
N ALA A 133 3.40 -36.35 33.79
CA ALA A 133 3.40 -37.74 33.40
C ALA A 133 1.97 -38.29 33.36
N PRO A 134 1.75 -39.41 32.66
CA PRO A 134 0.41 -40.00 32.61
C PRO A 134 -0.06 -40.41 34.00
N SER A 135 -1.31 -40.85 34.05
CA SER A 135 -1.91 -41.32 35.29
C SER A 135 -1.28 -42.63 35.74
N GLY A 142 -8.56 -46.88 26.82
CA GLY A 142 -8.91 -45.66 26.10
C GLY A 142 -7.70 -44.91 25.59
N THR A 143 -7.48 -43.71 26.15
CA THR A 143 -6.35 -42.88 25.77
C THR A 143 -5.77 -42.23 27.02
N ALA A 144 -4.51 -41.82 26.91
CA ALA A 144 -3.81 -41.15 28.00
C ALA A 144 -3.25 -39.83 27.49
N ALA A 145 -3.00 -38.90 28.41
CA ALA A 145 -2.45 -37.60 28.07
C ALA A 145 -1.18 -37.37 28.88
N LEU A 146 -0.16 -36.80 28.22
CA LEU A 146 1.08 -36.50 28.90
C LEU A 146 1.70 -35.27 28.25
N GLY A 147 2.51 -34.56 29.01
CA GLY A 147 3.02 -33.30 28.48
C GLY A 147 4.25 -32.81 29.21
N CYS A 148 4.71 -31.64 28.78
CA CYS A 148 5.80 -30.93 29.42
C CYS A 148 5.36 -29.51 29.76
N LEU A 149 5.66 -29.09 30.98
CA LEU A 149 5.33 -27.77 31.50
C LEU A 149 6.58 -26.91 31.50
N VAL A 150 6.58 -25.84 30.70
CA VAL A 150 7.67 -24.88 30.65
C VAL A 150 7.27 -23.69 31.51
N LYS A 151 8.18 -23.24 32.37
CA LYS A 151 7.84 -22.28 33.40
C LYS A 151 8.93 -21.21 33.51
N ASP A 152 8.51 -20.04 33.98
CA ASP A 152 9.39 -18.93 34.39
C ASP A 152 10.53 -18.71 33.41
N TYR A 153 10.16 -18.40 32.16
CA TYR A 153 11.10 -17.95 31.15
C TYR A 153 10.72 -16.55 30.68
N PHE A 154 11.67 -15.88 30.05
CA PHE A 154 11.45 -14.54 29.54
C PHE A 154 12.59 -14.13 28.63
N PRO A 155 12.32 -13.49 27.48
CA PRO A 155 11.02 -13.12 26.91
C PRO A 155 10.46 -14.19 25.99
N GLU A 156 9.44 -13.86 25.21
CA GLU A 156 8.92 -14.78 24.22
C GLU A 156 9.87 -14.87 23.03
N PRO A 157 9.78 -15.94 22.23
CA PRO A 157 8.93 -17.12 22.35
C PRO A 157 9.74 -18.36 22.72
N VAL A 158 9.05 -19.47 23.03
CA VAL A 158 9.69 -20.76 23.27
C VAL A 158 9.00 -21.78 22.37
N THR A 159 9.80 -22.60 21.69
CA THR A 159 9.28 -23.60 20.76
C THR A 159 9.39 -24.99 21.38
N VAL A 160 8.28 -25.72 21.39
CA VAL A 160 8.23 -27.05 21.98
C VAL A 160 7.81 -28.04 20.91
N SER A 161 8.56 -29.13 20.78
CA SER A 161 8.24 -30.19 19.83
C SER A 161 8.34 -31.52 20.55
N TRP A 162 7.86 -32.58 19.90
CA TRP A 162 7.88 -33.92 20.48
C TRP A 162 8.65 -34.87 19.58
N ASN A 163 9.57 -35.62 20.19
CA ASN A 163 10.37 -36.60 19.46
C ASN A 163 11.05 -35.98 18.25
N SER A 164 11.58 -34.77 18.45
CA SER A 164 12.33 -34.06 17.41
C SER A 164 11.50 -33.91 16.13
N GLY A 165 10.20 -33.69 16.29
CA GLY A 165 9.31 -33.49 15.17
C GLY A 165 8.72 -34.75 14.58
N ALA A 166 9.11 -35.94 15.09
CA ALA A 166 8.53 -37.17 14.57
C ALA A 166 7.05 -37.29 14.91
N LEU A 167 6.64 -36.80 16.07
CA LEU A 167 5.26 -36.88 16.51
C LEU A 167 4.60 -35.51 16.35
N THR A 168 3.49 -35.47 15.61
CA THR A 168 2.75 -34.23 15.40
C THR A 168 1.24 -34.38 15.53
N SER A 169 0.70 -35.59 15.57
CA SER A 169 -0.75 -35.77 15.66
C SER A 169 -1.21 -35.66 17.11
N GLY A 170 -2.20 -34.80 17.34
CA GLY A 170 -2.76 -34.64 18.67
C GLY A 170 -1.85 -33.91 19.64
N VAL A 171 -1.13 -32.89 19.17
CA VAL A 171 -0.24 -32.09 20.02
C VAL A 171 -0.85 -30.71 20.18
N HIS A 172 -1.11 -30.31 21.42
CA HIS A 172 -1.66 -29.00 21.73
C HIS A 172 -0.64 -28.20 22.53
N THR A 173 -0.34 -27.00 22.05
CA THR A 173 0.58 -26.07 22.71
C THR A 173 -0.19 -24.79 22.99
N PHE A 174 -0.49 -24.53 24.25
CA PHE A 174 -1.30 -23.38 24.61
C PHE A 174 -0.47 -22.10 24.57
N PRO A 175 -1.12 -20.96 24.37
CA PRO A 175 -0.36 -19.69 24.38
C PRO A 175 0.23 -19.41 25.75
N ALA A 176 1.36 -18.71 25.75
CA ALA A 176 2.01 -18.36 27.00
C ALA A 176 1.17 -17.34 27.77
N VAL A 177 1.16 -17.49 29.09
CA VAL A 177 0.41 -16.61 29.98
C VAL A 177 1.39 -15.93 30.92
N LEU A 178 1.30 -14.60 31.00
CA LEU A 178 2.22 -13.82 31.84
C LEU A 178 1.83 -13.99 33.29
N GLN A 179 2.79 -14.41 34.12
CA GLN A 179 2.52 -14.68 35.52
C GLN A 179 2.55 -13.38 36.33
N SER A 180 2.38 -13.51 37.65
CA SER A 180 2.44 -12.34 38.52
C SER A 180 3.87 -11.83 38.66
N SER A 181 4.86 -12.70 38.45
CA SER A 181 6.26 -12.33 38.59
C SER A 181 6.85 -11.73 37.32
N GLY A 182 6.06 -11.58 36.27
CA GLY A 182 6.55 -11.05 35.01
C GLY A 182 7.17 -12.07 34.09
N LEU A 183 7.16 -13.35 34.46
CA LEU A 183 7.76 -14.42 33.66
C LEU A 183 6.68 -15.32 33.12
N TYR A 184 6.86 -15.78 31.88
CA TYR A 184 5.83 -16.52 31.18
C TYR A 184 5.81 -17.99 31.60
N SER A 185 4.70 -18.65 31.28
CA SER A 185 4.55 -20.08 31.46
C SER A 185 3.77 -20.65 30.28
N LEU A 186 3.96 -21.94 30.03
CA LEU A 186 3.40 -22.59 28.87
C LEU A 186 3.34 -24.09 29.14
N SER A 187 2.46 -24.77 28.41
CA SER A 187 2.32 -26.20 28.53
C SER A 187 2.16 -26.81 27.15
N SER A 188 2.67 -28.03 26.98
CA SER A 188 2.49 -28.78 25.73
C SER A 188 2.01 -30.16 26.09
N VAL A 189 0.87 -30.58 25.54
CA VAL A 189 0.23 -31.83 25.89
C VAL A 189 -0.03 -32.64 24.63
N VAL A 190 0.14 -33.96 24.73
CA VAL A 190 -0.13 -34.88 23.64
C VAL A 190 -0.91 -36.06 24.20
N THR A 191 -1.89 -36.52 23.44
CA THR A 191 -2.72 -37.67 23.80
C THR A 191 -2.32 -38.86 22.94
N VAL A 192 -2.14 -40.01 23.59
CA VAL A 192 -1.65 -41.21 22.91
C VAL A 192 -2.42 -42.43 23.39
N PRO A 193 -2.39 -43.50 22.60
CA PRO A 193 -3.05 -44.74 23.05
C PRO A 193 -2.42 -45.24 24.35
N SER A 194 -3.26 -45.79 25.22
CA SER A 194 -2.79 -46.23 26.54
C SER A 194 -1.75 -47.33 26.41
N SER A 195 -2.01 -48.32 25.55
CA SER A 195 -1.10 -49.46 25.43
C SER A 195 0.29 -49.04 25.00
N SER A 196 0.40 -47.91 24.28
CA SER A 196 1.70 -47.44 23.81
C SER A 196 2.54 -46.82 24.92
N LEU A 197 1.97 -46.60 26.10
CA LEU A 197 2.72 -45.93 27.16
C LEU A 197 3.95 -46.73 27.56
N GLY A 198 3.81 -48.05 27.69
CA GLY A 198 4.91 -48.88 28.15
C GLY A 198 5.89 -49.31 27.09
N THR A 199 5.66 -48.97 25.82
CA THR A 199 6.53 -49.39 24.72
C THR A 199 7.37 -48.25 24.17
N GLN A 200 6.74 -47.15 23.75
CA GLN A 200 7.46 -46.05 23.13
C GLN A 200 7.89 -45.03 24.17
N THR A 201 8.91 -44.26 23.82
CA THR A 201 9.44 -43.21 24.67
C THR A 201 9.10 -41.86 24.07
N TYR A 202 8.58 -40.95 24.90
CA TYR A 202 8.20 -39.61 24.48
C TYR A 202 9.14 -38.60 25.11
N ILE A 203 9.70 -37.72 24.29
CA ILE A 203 10.66 -36.71 24.73
C ILE A 203 10.18 -35.35 24.27
N CYS A 204 10.06 -34.41 25.20
CA CYS A 204 9.69 -33.03 24.90
C CYS A 204 10.96 -32.24 24.66
N ASN A 205 11.07 -31.63 23.48
CA ASN A 205 12.21 -30.82 23.09
C ASN A 205 11.80 -29.35 23.20
N VAL A 206 12.38 -28.66 24.17
CA VAL A 206 12.12 -27.25 24.41
C VAL A 206 13.31 -26.44 23.91
N ASN A 207 13.02 -25.35 23.20
CA ASN A 207 14.06 -24.53 22.59
C ASN A 207 13.72 -23.07 22.84
N HIS A 208 14.63 -22.35 23.49
CA HIS A 208 14.45 -20.94 23.82
C HIS A 208 15.60 -20.17 23.19
N LYS A 209 15.31 -19.48 22.09
CA LYS A 209 16.35 -18.78 21.34
C LYS A 209 16.99 -17.64 22.13
N PRO A 210 16.23 -16.75 22.78
CA PRO A 210 16.87 -15.57 23.39
C PRO A 210 18.00 -15.90 24.35
N SER A 211 17.86 -16.96 25.15
CA SER A 211 18.90 -17.38 26.06
C SER A 211 19.71 -18.56 25.54
N ASN A 212 19.43 -19.01 24.31
CA ASN A 212 20.14 -20.14 23.70
C ASN A 212 20.07 -21.36 24.63
N THR A 213 18.85 -21.82 24.88
CA THR A 213 18.61 -22.92 25.80
C THR A 213 17.96 -24.07 25.05
N LYS A 214 18.57 -25.25 25.17
CA LYS A 214 18.05 -26.49 24.61
C LYS A 214 17.76 -27.46 25.76
N VAL A 215 16.58 -28.05 25.76
CA VAL A 215 16.21 -29.02 26.79
C VAL A 215 15.52 -30.20 26.13
N ASP A 216 15.87 -31.42 26.54
CA ASP A 216 15.25 -32.65 26.04
C ASP A 216 14.83 -33.46 27.26
N LYS A 217 13.57 -33.32 27.67
CA LYS A 217 13.07 -33.94 28.89
C LYS A 217 12.16 -35.10 28.54
N LYS A 218 12.42 -36.27 29.12
CA LYS A 218 11.63 -37.46 28.86
C LYS A 218 10.60 -37.66 29.97
N VAL A 219 9.40 -38.08 29.57
CA VAL A 219 8.28 -38.28 30.49
C VAL A 219 8.03 -39.77 30.63
N GLU A 220 7.94 -40.24 31.88
CA GLU A 220 7.76 -41.66 32.17
C GLU A 220 6.79 -41.78 33.33
N PRO A 221 5.80 -42.69 33.28
CA PRO A 221 4.88 -42.82 34.42
C PRO A 221 5.56 -43.40 35.66
N ALA B 1 -9.81 11.00 10.22
CA ALA B 1 -10.63 11.42 9.05
C ALA B 1 -11.48 10.25 8.55
N TYR B 2 -10.86 9.33 7.83
CA TYR B 2 -11.54 8.15 7.30
C TYR B 2 -11.42 7.05 8.34
N ASP B 3 -12.48 6.82 9.10
CA ASP B 3 -12.51 5.81 10.15
C ASP B 3 -13.26 4.58 9.65
N MET B 4 -12.57 3.43 9.64
CA MET B 4 -13.16 2.20 9.13
C MET B 4 -13.73 1.41 10.31
N THR B 5 -15.02 1.07 10.21
CA THR B 5 -15.73 0.35 11.24
C THR B 5 -16.30 -0.93 10.64
N GLN B 6 -16.03 -2.07 11.28
CA GLN B 6 -16.57 -3.36 10.88
C GLN B 6 -17.68 -3.73 11.86
N THR B 7 -18.88 -3.96 11.33
CA THR B 7 -20.05 -4.02 12.20
C THR B 7 -20.05 -5.25 13.09
N PRO B 8 -20.08 -6.48 12.56
CA PRO B 8 -20.12 -7.66 13.46
C PRO B 8 -18.73 -7.94 14.02
N ALA B 9 -18.63 -7.94 15.35
CA ALA B 9 -17.34 -8.24 15.98
C ALA B 9 -17.02 -9.73 15.89
N SER B 10 -18.04 -10.58 16.00
CA SER B 10 -17.85 -12.02 15.87
C SER B 10 -19.15 -12.63 15.37
N VAL B 11 -19.05 -13.52 14.39
CA VAL B 11 -20.21 -14.16 13.78
C VAL B 11 -20.00 -15.66 13.81
N GLU B 12 -21.03 -16.39 14.25
CA GLU B 12 -20.99 -17.84 14.34
C GLU B 12 -21.91 -18.42 13.27
N VAL B 13 -21.38 -19.37 12.50
CA VAL B 13 -22.08 -19.90 11.34
C VAL B 13 -21.73 -21.38 11.17
N ALA B 14 -22.70 -22.16 10.71
CA ALA B 14 -22.48 -23.57 10.46
C ALA B 14 -21.77 -23.78 9.13
N VAL B 15 -21.18 -24.97 8.98
CA VAL B 15 -20.54 -25.31 7.72
C VAL B 15 -21.59 -25.37 6.61
N GLY B 16 -21.19 -24.96 5.42
CA GLY B 16 -22.15 -24.85 4.32
C GLY B 16 -23.17 -23.75 4.52
N GLY B 17 -22.73 -22.61 5.05
CA GLY B 17 -23.61 -21.48 5.24
C GLY B 17 -22.98 -20.22 4.65
N THR B 18 -23.76 -19.14 4.69
CA THR B 18 -23.35 -17.85 4.14
C THR B 18 -22.97 -16.91 5.26
N VAL B 19 -21.84 -16.22 5.09
CA VAL B 19 -21.34 -15.26 6.06
C VAL B 19 -21.26 -13.89 5.39
N THR B 20 -21.82 -12.88 6.04
CA THR B 20 -21.79 -11.50 5.55
C THR B 20 -21.07 -10.63 6.56
N ILE B 21 -20.04 -9.93 6.10
CA ILE B 21 -19.25 -9.02 6.92
C ILE B 21 -19.34 -7.63 6.33
N LYS B 22 -19.68 -6.64 7.15
CA LYS B 22 -19.92 -5.28 6.69
C LYS B 22 -18.82 -4.35 7.18
N CYS B 23 -18.36 -3.48 6.28
CA CYS B 23 -17.36 -2.47 6.60
C CYS B 23 -17.92 -1.10 6.18
N GLN B 24 -17.53 -0.06 6.90
CA GLN B 24 -18.09 1.27 6.69
C GLN B 24 -17.03 2.32 6.91
N ALA B 25 -17.08 3.39 6.11
CA ALA B 25 -16.14 4.50 6.20
C ALA B 25 -16.89 5.77 6.60
N SER B 26 -16.25 6.58 7.45
CA SER B 26 -16.87 7.83 7.87
C SER B 26 -17.12 8.75 6.68
N GLN B 27 -16.23 8.72 5.69
CA GLN B 27 -16.34 9.54 4.50
C GLN B 27 -16.28 8.66 3.26
N SER B 28 -16.86 9.14 2.17
CA SER B 28 -16.96 8.35 0.95
C SER B 28 -15.57 8.06 0.38
N ILE B 29 -15.36 6.80 0.01
CA ILE B 29 -14.20 6.37 -0.75
C ILE B 29 -14.70 5.67 -2.00
N SER B 30 -14.18 6.06 -3.16
CA SER B 30 -14.72 5.62 -4.45
C SER B 30 -14.22 4.21 -4.77
N SER B 31 -14.76 3.24 -4.04
CA SER B 31 -14.49 1.83 -4.28
C SER B 31 -12.99 1.55 -4.30
N TYR B 32 -12.35 1.80 -3.17
CA TYR B 32 -10.92 1.55 -2.97
C TYR B 32 -10.70 0.77 -1.69
N LEU B 33 -11.49 -0.29 -1.50
CA LEU B 33 -11.43 -1.10 -0.30
C LEU B 33 -10.85 -2.47 -0.63
N SER B 34 -9.98 -2.96 0.25
CA SER B 34 -9.37 -4.27 0.13
C SER B 34 -9.72 -5.09 1.36
N TRP B 35 -9.72 -6.42 1.19
CA TRP B 35 -10.04 -7.35 2.27
C TRP B 35 -8.88 -8.30 2.47
N TYR B 36 -8.49 -8.49 3.74
CA TYR B 36 -7.41 -9.39 4.10
C TYR B 36 -7.89 -10.41 5.11
N GLN B 37 -7.31 -11.61 5.04
CA GLN B 37 -7.64 -12.71 5.94
C GLN B 37 -6.39 -13.10 6.71
N GLN B 38 -6.56 -13.37 8.01
CA GLN B 38 -5.48 -13.81 8.88
C GLN B 38 -5.97 -14.99 9.70
N LYS B 39 -5.44 -16.16 9.40
CA LYS B 39 -5.67 -17.32 10.26
C LYS B 39 -4.80 -17.21 11.50
N PRO B 40 -5.21 -17.83 12.61
CA PRO B 40 -4.45 -17.67 13.85
C PRO B 40 -3.00 -18.09 13.69
N GLY B 41 -2.10 -17.28 14.23
CA GLY B 41 -0.68 -17.58 14.16
C GLY B 41 -0.13 -17.62 12.75
N GLN B 42 -0.53 -16.68 11.90
CA GLN B 42 -0.04 -16.63 10.53
C GLN B 42 -0.11 -15.21 10.02
N ARG B 43 0.62 -14.95 8.94
CA ARG B 43 0.60 -13.64 8.32
C ARG B 43 -0.70 -13.44 7.54
N PRO B 44 -1.15 -12.19 7.38
CA PRO B 44 -2.37 -11.95 6.60
C PRO B 44 -2.17 -12.26 5.12
N GLU B 45 -3.30 -12.50 4.45
CA GLU B 45 -3.29 -12.78 3.02
C GLU B 45 -4.39 -11.98 2.35
N LEU B 46 -4.11 -11.46 1.16
CA LEU B 46 -5.07 -10.65 0.43
C LEU B 46 -6.16 -11.53 -0.18
N LEU B 47 -7.40 -11.05 -0.12
CA LEU B 47 -8.55 -11.71 -0.73
C LEU B 47 -9.11 -10.92 -1.90
N ILE B 48 -9.46 -9.66 -1.69
CA ILE B 48 -10.12 -8.84 -2.69
C ILE B 48 -9.50 -7.45 -2.67
N TYR B 49 -9.37 -6.86 -3.85
CA TYR B 49 -8.94 -5.46 -3.99
C TYR B 49 -9.90 -4.75 -4.92
N LYS B 50 -10.00 -3.44 -4.73
CA LYS B 50 -11.01 -2.60 -5.38
C LYS B 50 -12.43 -3.02 -5.01
N ALA B 51 -12.57 -3.75 -3.91
CA ALA B 51 -13.86 -4.06 -3.30
C ALA B 51 -14.65 -5.11 -4.09
N SER B 52 -14.20 -5.48 -5.28
CA SER B 52 -14.91 -6.49 -6.06
C SER B 52 -14.01 -7.55 -6.69
N THR B 53 -12.75 -7.25 -6.99
CA THR B 53 -11.93 -8.14 -7.81
C THR B 53 -11.16 -9.11 -6.94
N LEU B 54 -11.26 -10.40 -7.26
CA LEU B 54 -10.55 -11.43 -6.50
C LEU B 54 -9.06 -11.40 -6.80
N ALA B 55 -8.25 -11.61 -5.77
CA ALA B 55 -6.83 -11.81 -5.97
C ALA B 55 -6.56 -13.19 -6.55
N SER B 56 -5.56 -13.26 -7.41
CA SER B 56 -5.23 -14.51 -8.08
C SER B 56 -4.95 -15.61 -7.06
N GLY B 57 -5.53 -16.78 -7.29
CA GLY B 57 -5.35 -17.93 -6.41
C GLY B 57 -6.39 -18.07 -5.32
N VAL B 58 -7.24 -17.09 -5.11
CA VAL B 58 -8.29 -17.16 -4.11
C VAL B 58 -9.53 -17.79 -4.73
N SER B 59 -10.22 -18.63 -3.95
CA SER B 59 -11.39 -19.31 -4.45
C SER B 59 -12.46 -18.30 -4.86
N SER B 60 -13.49 -18.80 -5.55
CA SER B 60 -14.59 -17.96 -6.00
C SER B 60 -15.71 -17.87 -4.98
N ARG B 61 -15.55 -18.46 -3.80
CA ARG B 61 -16.59 -18.40 -2.78
C ARG B 61 -16.65 -17.04 -2.09
N PHE B 62 -15.63 -16.21 -2.24
CA PHE B 62 -15.59 -14.89 -1.64
C PHE B 62 -16.06 -13.87 -2.67
N LYS B 63 -17.02 -13.02 -2.28
CA LYS B 63 -17.56 -11.99 -3.17
C LYS B 63 -17.65 -10.68 -2.39
N GLY B 64 -16.91 -9.67 -2.85
CA GLY B 64 -17.00 -8.35 -2.26
C GLY B 64 -17.87 -7.43 -3.10
N SER B 65 -18.63 -6.58 -2.41
CA SER B 65 -19.55 -5.68 -3.09
C SER B 65 -19.61 -4.37 -2.31
N GLY B 66 -20.31 -3.40 -2.87
CA GLY B 66 -20.46 -2.09 -2.26
C GLY B 66 -19.54 -1.05 -2.89
N SER B 67 -19.88 0.21 -2.63
CA SER B 67 -19.11 1.34 -3.14
C SER B 67 -19.54 2.58 -2.40
N GLY B 68 -18.64 3.56 -2.33
CA GLY B 68 -18.95 4.79 -1.63
C GLY B 68 -18.60 4.71 -0.15
N THR B 69 -19.62 4.43 0.67
CA THR B 69 -19.45 4.32 2.11
C THR B 69 -19.58 2.89 2.62
N GLN B 70 -20.66 2.21 2.28
CA GLN B 70 -20.87 0.83 2.74
C GLN B 70 -20.09 -0.14 1.88
N PHE B 71 -19.68 -1.26 2.50
CA PHE B 71 -19.00 -2.32 1.78
C PHE B 71 -19.35 -3.65 2.45
N THR B 72 -19.34 -4.72 1.67
CA THR B 72 -19.73 -6.03 2.17
C THR B 72 -18.82 -7.10 1.58
N LEU B 73 -18.59 -8.14 2.38
CA LEU B 73 -17.88 -9.33 1.94
C LEU B 73 -18.75 -10.53 2.27
N THR B 74 -18.96 -11.40 1.30
CA THR B 74 -19.81 -12.57 1.47
C THR B 74 -19.02 -13.83 1.19
N ILE B 75 -19.12 -14.79 2.11
CA ILE B 75 -18.56 -16.12 1.95
C ILE B 75 -19.74 -17.06 1.72
N SER B 76 -19.76 -17.71 0.56
CA SER B 76 -20.96 -18.44 0.15
C SER B 76 -21.01 -19.83 0.77
N ASP B 77 -19.98 -20.63 0.55
CA ASP B 77 -19.93 -22.01 1.03
C ASP B 77 -18.81 -22.09 2.06
N LEU B 78 -19.18 -22.02 3.33
CA LEU B 78 -18.20 -22.00 4.40
C LEU B 78 -17.59 -23.38 4.60
N GLU B 79 -16.30 -23.41 4.94
CA GLU B 79 -15.58 -24.63 5.22
C GLU B 79 -14.86 -24.50 6.55
N ALA B 80 -14.53 -25.66 7.15
CA ALA B 80 -13.92 -25.65 8.46
C ALA B 80 -12.60 -24.88 8.50
N ALA B 81 -11.96 -24.70 7.35
CA ALA B 81 -10.71 -23.95 7.29
C ALA B 81 -10.91 -22.45 7.14
N ASP B 82 -12.15 -21.98 7.09
CA ASP B 82 -12.43 -20.56 6.89
C ASP B 82 -12.47 -19.77 8.20
N ALA B 83 -12.26 -20.42 9.34
CA ALA B 83 -12.22 -19.70 10.62
C ALA B 83 -10.96 -18.86 10.67
N ALA B 84 -11.13 -17.54 10.68
CA ALA B 84 -10.00 -16.61 10.67
C ALA B 84 -10.55 -15.23 11.01
N THR B 85 -9.69 -14.22 10.90
CA THR B 85 -10.07 -12.84 11.15
C THR B 85 -9.92 -12.04 9.86
N TYR B 86 -10.93 -11.25 9.53
CA TYR B 86 -10.99 -10.52 8.28
C TYR B 86 -10.93 -9.02 8.55
N TYR B 87 -10.07 -8.32 7.80
CA TYR B 87 -9.86 -6.89 7.96
C TYR B 87 -10.17 -6.17 6.64
N CYS B 88 -10.87 -5.05 6.74
CA CYS B 88 -11.09 -4.17 5.60
C CYS B 88 -10.14 -2.99 5.67
N GLN B 89 -9.54 -2.64 4.54
CA GLN B 89 -8.52 -1.61 4.47
C GLN B 89 -8.86 -0.62 3.36
N GLN B 90 -8.80 0.67 3.67
CA GLN B 90 -9.12 1.71 2.70
C GLN B 90 -7.85 2.23 2.06
N GLY B 91 -7.82 2.23 0.73
CA GLY B 91 -6.67 2.69 -0.02
C GLY B 91 -6.89 4.05 -0.64
N TYR B 92 -7.72 4.88 -0.02
CA TYR B 92 -8.07 6.16 -0.60
C TYR B 92 -6.94 7.18 -0.40
N THR B 93 -6.57 7.44 0.86
CA THR B 93 -5.58 8.45 1.17
C THR B 93 -4.74 7.99 2.35
N SER B 94 -3.58 8.65 2.51
CA SER B 94 -2.67 8.35 3.61
C SER B 94 -2.24 9.60 4.37
N SER B 95 -2.96 10.70 4.24
CA SER B 95 -2.63 11.96 4.91
C SER B 95 -3.62 12.20 6.05
N ASN B 96 -3.07 12.48 7.23
CA ASN B 96 -3.88 12.70 8.43
C ASN B 96 -4.79 11.50 8.69
N ILE B 97 -4.16 10.35 8.91
CA ILE B 97 -4.85 9.08 9.08
C ILE B 97 -4.38 8.45 10.38
N ASP B 98 -5.33 8.03 11.22
CA ASP B 98 -4.98 7.32 12.45
C ASP B 98 -4.68 5.85 12.16
N ASN B 99 -5.46 5.22 11.28
CA ASN B 99 -5.26 3.83 10.93
C ASN B 99 -6.03 3.54 9.65
N ILE B 100 -5.39 2.83 8.72
CA ILE B 100 -6.04 2.49 7.45
C ILE B 100 -6.82 1.18 7.53
N PHE B 101 -6.67 0.41 8.60
CA PHE B 101 -7.33 -0.87 8.74
C PHE B 101 -8.58 -0.75 9.62
N GLY B 102 -9.43 -1.77 9.54
CA GLY B 102 -10.61 -1.84 10.37
C GLY B 102 -10.35 -2.54 11.68
N GLY B 103 -11.43 -2.75 12.43
CA GLY B 103 -11.32 -3.40 13.73
C GLY B 103 -11.14 -4.90 13.66
N GLY B 104 -11.47 -5.51 12.52
CA GLY B 104 -11.33 -6.95 12.37
C GLY B 104 -12.53 -7.72 12.86
N THR B 105 -13.02 -8.64 12.04
CA THR B 105 -14.16 -9.49 12.36
C THR B 105 -13.69 -10.94 12.42
N GLU B 106 -14.14 -11.66 13.43
CA GLU B 106 -13.73 -13.04 13.65
C GLU B 106 -14.88 -13.98 13.28
N VAL B 107 -14.58 -14.99 12.47
CA VAL B 107 -15.56 -15.98 12.03
C VAL B 107 -15.29 -17.26 12.80
N VAL B 108 -16.29 -17.73 13.53
CA VAL B 108 -16.20 -18.97 14.30
C VAL B 108 -17.15 -19.97 13.67
N VAL B 109 -16.62 -21.11 13.26
CA VAL B 109 -17.42 -22.12 12.57
C VAL B 109 -18.24 -22.90 13.60
N LYS B 110 -19.52 -23.03 13.34
CA LYS B 110 -20.39 -23.76 14.25
C LYS B 110 -20.20 -25.26 14.08
N ARG B 111 -20.59 -26.01 15.11
CA ARG B 111 -20.29 -27.43 15.19
C ARG B 111 -21.26 -28.09 16.15
N THR B 112 -21.40 -29.40 16.02
CA THR B 112 -22.17 -30.16 16.99
C THR B 112 -21.48 -30.11 18.35
N VAL B 113 -22.28 -30.02 19.41
CA VAL B 113 -21.72 -29.90 20.76
C VAL B 113 -20.97 -31.17 21.11
N ALA B 114 -19.78 -31.01 21.69
CA ALA B 114 -18.93 -32.13 22.08
C ALA B 114 -18.39 -31.88 23.46
N ALA B 115 -18.62 -32.82 24.38
CA ALA B 115 -18.18 -32.66 25.75
C ALA B 115 -16.66 -32.76 25.84
N PRO B 116 -16.03 -32.04 26.76
CA PRO B 116 -14.58 -32.14 26.92
C PRO B 116 -14.15 -33.44 27.58
N SER B 117 -12.91 -33.82 27.31
CA SER B 117 -12.24 -34.88 28.06
C SER B 117 -11.34 -34.24 29.11
N VAL B 118 -11.43 -34.73 30.34
CA VAL B 118 -10.79 -34.11 31.49
C VAL B 118 -9.63 -34.98 31.96
N PHE B 119 -8.47 -34.36 32.15
CA PHE B 119 -7.30 -35.03 32.71
C PHE B 119 -6.74 -34.19 33.86
N ILE B 120 -6.11 -34.86 34.82
CA ILE B 120 -5.55 -34.22 36.00
C ILE B 120 -4.09 -34.62 36.13
N PHE B 121 -3.21 -33.63 36.31
CA PHE B 121 -1.78 -33.85 36.45
C PHE B 121 -1.32 -33.24 37.78
N PRO B 122 -0.83 -34.05 38.72
CA PRO B 122 -0.31 -33.50 39.97
C PRO B 122 1.11 -33.00 39.79
N PRO B 123 1.64 -32.25 40.76
CA PRO B 123 3.02 -31.75 40.63
C PRO B 123 4.03 -32.88 40.58
N SER B 124 5.10 -32.65 39.82
CA SER B 124 6.18 -33.63 39.74
C SER B 124 7.11 -33.50 40.94
N ASP B 125 8.03 -34.46 41.06
CA ASP B 125 8.96 -34.45 42.18
C ASP B 125 9.95 -33.30 42.07
N GLU B 126 10.45 -33.04 40.87
CA GLU B 126 11.46 -32.01 40.69
C GLU B 126 10.93 -30.64 41.10
N GLN B 127 9.75 -30.28 40.59
CA GLN B 127 9.17 -28.98 40.92
C GLN B 127 8.90 -28.87 42.41
N LEU B 128 8.36 -29.93 43.01
CA LEU B 128 8.11 -29.91 44.45
C LEU B 128 9.42 -29.70 45.21
N LYS B 129 10.51 -30.30 44.74
CA LYS B 129 11.81 -30.06 45.35
C LYS B 129 12.22 -28.60 45.20
N SER B 130 11.94 -28.00 44.04
CA SER B 130 12.35 -26.62 43.80
C SER B 130 11.74 -25.67 44.82
N GLY B 131 10.45 -25.83 45.12
CA GLY B 131 9.80 -24.99 46.11
C GLY B 131 8.45 -24.44 45.68
N THR B 132 7.94 -24.91 44.55
CA THR B 132 6.63 -24.50 44.05
C THR B 132 5.87 -25.72 43.56
N ALA B 133 4.57 -25.76 43.82
CA ALA B 133 3.72 -26.86 43.37
C ALA B 133 2.75 -26.34 42.33
N SER B 134 2.63 -27.07 41.23
CA SER B 134 1.68 -26.74 40.17
C SER B 134 0.80 -27.94 39.91
N VAL B 135 -0.52 -27.75 40.02
CA VAL B 135 -1.49 -28.78 39.71
C VAL B 135 -2.25 -28.34 38.46
N VAL B 136 -2.29 -29.21 37.45
CA VAL B 136 -2.85 -28.86 36.16
C VAL B 136 -4.07 -29.73 35.91
N CYS B 137 -5.13 -29.14 35.35
CA CYS B 137 -6.23 -29.93 34.84
C CYS B 137 -6.59 -29.45 33.44
N LEU B 138 -6.80 -30.42 32.54
CA LEU B 138 -6.87 -30.21 31.11
C LEU B 138 -8.23 -30.63 30.59
N LEU B 139 -8.84 -29.76 29.78
CA LEU B 139 -10.06 -30.05 29.05
C LEU B 139 -9.70 -30.10 27.57
N ASN B 140 -10.06 -31.19 26.89
CA ASN B 140 -9.61 -31.45 25.54
C ASN B 140 -10.80 -31.70 24.62
N ASN B 141 -10.74 -31.13 23.40
CA ASN B 141 -11.63 -31.52 22.31
C ASN B 141 -13.09 -31.33 22.69
N PHE B 142 -13.45 -30.06 22.91
CA PHE B 142 -14.81 -29.69 23.26
C PHE B 142 -15.25 -28.51 22.41
N TYR B 143 -16.58 -28.29 22.40
CA TYR B 143 -17.19 -27.16 21.72
C TYR B 143 -18.53 -26.91 22.38
N PRO B 144 -18.93 -25.65 22.62
CA PRO B 144 -18.24 -24.38 22.32
C PRO B 144 -17.21 -23.98 23.36
N ARG B 145 -16.65 -22.77 23.21
CA ARG B 145 -15.55 -22.33 24.05
C ARG B 145 -15.97 -22.04 25.48
N GLU B 146 -17.26 -21.91 25.76
CA GLU B 146 -17.74 -21.51 27.08
C GLU B 146 -17.76 -22.71 28.03
N ALA B 147 -16.57 -23.07 28.49
CA ALA B 147 -16.38 -24.08 29.52
C ALA B 147 -15.90 -23.43 30.80
N LYS B 148 -16.30 -23.98 31.95
CA LYS B 148 -15.95 -23.40 33.23
C LYS B 148 -15.34 -24.45 34.13
N VAL B 149 -14.35 -24.05 34.92
CA VAL B 149 -13.56 -24.94 35.76
C VAL B 149 -13.38 -24.33 37.14
N GLN B 150 -13.50 -25.17 38.17
CA GLN B 150 -13.32 -24.76 39.55
C GLN B 150 -12.38 -25.72 40.25
N TRP B 151 -11.45 -25.17 41.03
CA TRP B 151 -10.54 -25.97 41.84
C TRP B 151 -11.09 -26.12 43.25
N LYS B 152 -10.86 -27.28 43.85
CA LYS B 152 -11.29 -27.53 45.23
C LYS B 152 -10.20 -28.30 45.96
N VAL B 153 -9.81 -27.78 47.12
CA VAL B 153 -8.79 -28.40 47.97
C VAL B 153 -9.46 -28.77 49.29
N ASP B 154 -9.47 -30.06 49.62
CA ASP B 154 -10.13 -30.54 50.83
C ASP B 154 -11.58 -30.06 50.88
N ASN B 155 -12.25 -30.08 49.73
CA ASN B 155 -13.62 -29.65 49.53
C ASN B 155 -13.80 -28.15 49.74
N ALA B 156 -12.72 -27.39 49.84
CA ALA B 156 -12.80 -25.94 50.01
C ALA B 156 -12.45 -25.24 48.70
N LEU B 157 -13.18 -24.17 48.40
CA LEU B 157 -12.97 -23.43 47.17
C LEU B 157 -11.71 -22.57 47.26
N GLN B 158 -11.11 -22.30 46.10
CA GLN B 158 -9.96 -21.43 45.99
C GLN B 158 -10.16 -20.45 44.84
N SER B 159 -9.61 -19.25 45.00
CA SER B 159 -9.72 -18.22 43.98
C SER B 159 -8.47 -17.35 44.02
N GLY B 160 -8.16 -16.75 42.87
CA GLY B 160 -7.03 -15.85 42.76
C GLY B 160 -5.69 -16.51 42.60
N ASN B 161 -5.63 -17.85 42.51
CA ASN B 161 -4.37 -18.56 42.36
C ASN B 161 -4.46 -19.60 41.24
N SER B 162 -5.34 -19.38 40.27
CA SER B 162 -5.51 -20.29 39.15
C SER B 162 -5.53 -19.49 37.86
N GLN B 163 -4.84 -20.00 36.85
CA GLN B 163 -4.77 -19.34 35.54
C GLN B 163 -5.14 -20.32 34.44
N GLU B 164 -5.90 -19.83 33.45
CA GLU B 164 -6.42 -20.66 32.38
C GLU B 164 -5.89 -20.18 31.05
N SER B 165 -5.65 -21.13 30.14
CA SER B 165 -5.20 -20.86 28.80
C SER B 165 -6.03 -21.66 27.81
N VAL B 166 -6.41 -21.03 26.70
CA VAL B 166 -7.30 -21.63 25.71
C VAL B 166 -6.65 -21.51 24.34
N THR B 167 -6.70 -22.59 23.57
CA THR B 167 -6.15 -22.59 22.22
C THR B 167 -7.14 -21.98 21.23
N GLU B 168 -6.63 -21.65 20.05
CA GLU B 168 -7.49 -21.20 18.97
C GLU B 168 -8.26 -22.37 18.38
N GLN B 169 -9.35 -22.05 17.69
CA GLN B 169 -10.21 -23.09 17.13
C GLN B 169 -9.44 -23.96 16.14
N ASP B 170 -9.62 -25.27 16.26
CA ASP B 170 -8.92 -26.19 15.37
C ASP B 170 -9.41 -26.01 13.94
N SER B 171 -8.46 -26.04 13.00
CA SER B 171 -8.79 -25.89 11.59
C SER B 171 -9.29 -27.17 10.95
N LYS B 172 -9.10 -28.32 11.59
CA LYS B 172 -9.55 -29.60 11.07
C LYS B 172 -10.83 -30.09 11.72
N ASP B 173 -10.98 -29.91 13.03
CA ASP B 173 -12.13 -30.41 13.77
C ASP B 173 -13.00 -29.32 14.37
N SER B 174 -12.52 -28.08 14.44
CA SER B 174 -13.27 -26.95 14.97
C SER B 174 -13.59 -27.10 16.46
N THR B 175 -12.70 -27.74 17.22
CA THR B 175 -12.88 -27.91 18.65
C THR B 175 -11.91 -27.00 19.41
N TYR B 176 -11.94 -27.10 20.74
CA TYR B 176 -11.13 -26.26 21.61
C TYR B 176 -10.43 -27.10 22.67
N SER B 177 -9.37 -26.52 23.23
CA SER B 177 -8.68 -27.11 24.37
C SER B 177 -8.38 -26.02 25.38
N LEU B 178 -8.45 -26.39 26.66
CA LEU B 178 -8.25 -25.45 27.76
C LEU B 178 -7.40 -26.14 28.82
N SER B 179 -6.62 -25.34 29.53
CA SER B 179 -5.77 -25.87 30.59
C SER B 179 -5.74 -24.89 31.75
N SER B 180 -6.01 -25.38 32.95
CA SER B 180 -6.01 -24.56 34.16
C SER B 180 -4.92 -25.03 35.09
N THR B 181 -4.08 -24.08 35.53
CA THR B 181 -2.96 -24.36 36.42
C THR B 181 -3.19 -23.65 37.75
N LEU B 182 -3.03 -24.40 38.84
CA LEU B 182 -3.12 -23.88 40.19
C LEU B 182 -1.74 -23.94 40.83
N THR B 183 -1.26 -22.79 41.31
CA THR B 183 0.08 -22.68 41.87
C THR B 183 -0.01 -22.51 43.38
N LEU B 184 0.76 -23.34 44.10
CA LEU B 184 0.76 -23.34 45.55
C LEU B 184 2.20 -23.31 46.06
N SER B 185 2.37 -22.78 47.26
CA SER B 185 3.66 -22.84 47.93
C SER B 185 4.00 -24.27 48.33
N LYS B 186 5.30 -24.56 48.38
CA LYS B 186 5.72 -25.93 48.68
C LYS B 186 5.17 -26.39 50.02
N ALA B 187 5.25 -25.54 51.04
CA ALA B 187 4.74 -25.92 52.36
C ALA B 187 3.24 -26.16 52.33
N ASP B 188 2.50 -25.29 51.64
CA ASP B 188 1.05 -25.43 51.61
C ASP B 188 0.60 -26.72 50.94
N TYR B 189 1.45 -27.32 50.10
CA TYR B 189 1.07 -28.52 49.37
C TYR B 189 0.73 -29.65 50.33
N GLU B 190 1.55 -29.83 51.37
CA GLU B 190 1.34 -30.93 52.31
C GLU B 190 0.29 -30.61 53.35
N LYS B 191 -0.15 -29.35 53.46
CA LYS B 191 -1.19 -28.99 54.42
C LYS B 191 -2.54 -29.59 54.07
N HIS B 192 -2.69 -30.13 52.85
CA HIS B 192 -3.95 -30.70 52.39
C HIS B 192 -3.69 -32.07 51.80
N LYS B 193 -4.77 -32.82 51.56
CA LYS B 193 -4.68 -34.21 51.15
C LYS B 193 -5.28 -34.49 49.79
N VAL B 194 -6.44 -33.92 49.48
CA VAL B 194 -7.18 -34.24 48.26
C VAL B 194 -7.35 -32.97 47.43
N TYR B 195 -7.06 -33.07 46.14
CA TYR B 195 -7.22 -31.98 45.20
C TYR B 195 -8.20 -32.40 44.12
N ALA B 196 -9.00 -31.46 43.63
CA ALA B 196 -10.01 -31.78 42.62
C ALA B 196 -10.18 -30.62 41.65
N CYS B 197 -10.32 -30.96 40.38
CA CYS B 197 -10.72 -30.02 39.33
C CYS B 197 -12.09 -30.45 38.84
N GLU B 198 -13.06 -29.54 38.91
CA GLU B 198 -14.43 -29.80 38.51
C GLU B 198 -14.77 -28.95 37.31
N VAL B 199 -15.45 -29.55 36.34
CA VAL B 199 -15.70 -28.93 35.04
C VAL B 199 -17.20 -28.90 34.79
N THR B 200 -17.68 -27.74 34.34
CA THR B 200 -19.05 -27.58 33.87
C THR B 200 -19.02 -27.12 32.42
N HIS B 201 -19.78 -27.83 31.58
CA HIS B 201 -19.87 -27.54 30.16
C HIS B 201 -21.22 -28.05 29.67
N GLN B 202 -21.71 -27.46 28.58
CA GLN B 202 -23.05 -27.81 28.11
C GLN B 202 -23.14 -29.26 27.67
N GLY B 203 -21.99 -29.87 27.32
CA GLY B 203 -22.00 -31.25 26.87
C GLY B 203 -22.19 -32.27 27.98
N LEU B 204 -22.15 -31.86 29.24
CA LEU B 204 -22.32 -32.75 30.36
C LEU B 204 -23.59 -32.42 31.11
N SER B 205 -24.35 -33.45 31.46
CA SER B 205 -25.57 -33.24 32.24
C SER B 205 -25.25 -32.65 33.61
N SER B 206 -24.21 -33.13 34.25
CA SER B 206 -23.78 -32.67 35.57
C SER B 206 -22.29 -32.40 35.55
N PRO B 207 -21.79 -31.58 36.48
CA PRO B 207 -20.36 -31.29 36.50
C PRO B 207 -19.55 -32.56 36.70
N VAL B 208 -18.38 -32.62 36.06
CA VAL B 208 -17.51 -33.78 36.14
C VAL B 208 -16.28 -33.42 36.96
N THR B 209 -15.92 -34.29 37.91
CA THR B 209 -14.84 -34.03 38.84
C THR B 209 -13.72 -35.02 38.64
N LYS B 210 -12.48 -34.53 38.57
CA LYS B 210 -11.29 -35.37 38.54
C LYS B 210 -10.41 -34.96 39.72
N SER B 211 -10.07 -35.93 40.57
CA SER B 211 -9.39 -35.62 41.81
C SER B 211 -8.29 -36.63 42.08
N PHE B 212 -7.35 -36.24 42.93
CA PHE B 212 -6.27 -37.11 43.35
C PHE B 212 -5.90 -36.79 44.79
N ASN B 213 -5.34 -37.80 45.47
CA ASN B 213 -4.85 -37.66 46.83
C ASN B 213 -3.33 -37.83 46.83
N ARG B 214 -2.65 -37.02 47.64
CA ARG B 214 -1.19 -37.06 47.69
C ARG B 214 -0.71 -38.45 48.04
N GLY B 215 0.29 -38.93 47.29
CA GLY B 215 0.85 -40.25 47.52
C GLY B 215 1.23 -40.94 46.23
N ASN C 68 1.18 -3.60 -31.29
CA ASN C 68 2.55 -3.22 -31.72
C ASN C 68 2.59 -1.81 -32.27
N GLY C 69 1.49 -1.08 -32.11
CA GLY C 69 1.43 0.28 -32.60
C GLY C 69 2.35 1.23 -31.84
N LYS C 70 2.70 0.87 -30.60
CA LYS C 70 3.56 1.73 -29.80
C LYS C 70 4.94 1.88 -30.45
N LEU C 71 5.47 0.79 -31.00
CA LEU C 71 6.77 0.86 -31.67
C LEU C 71 6.72 1.80 -32.88
N LEU C 72 5.66 1.68 -33.69
CA LEU C 72 5.52 2.57 -34.85
C LEU C 72 5.39 4.02 -34.41
N LEU C 73 4.62 4.27 -33.34
CA LEU C 73 4.48 5.62 -32.83
C LEU C 73 5.81 6.16 -32.34
N ALA C 74 6.63 5.32 -31.69
CA ALA C 74 7.94 5.76 -31.25
C ALA C 74 8.84 6.10 -32.42
N VAL C 75 8.80 5.29 -33.48
CA VAL C 75 9.59 5.61 -34.67
C VAL C 75 9.14 6.95 -35.26
N PHE C 76 7.82 7.17 -35.33
CA PHE C 76 7.32 8.43 -35.85
C PHE C 76 7.77 9.60 -34.98
N TYR C 77 7.78 9.41 -33.66
CA TYR C 77 8.26 10.45 -32.77
C TYR C 77 9.73 10.74 -33.01
N CYS C 78 10.53 9.71 -33.27
CA CYS C 78 11.93 9.93 -33.59
C CYS C 78 12.08 10.75 -34.88
N LEU C 79 11.28 10.42 -35.90
CA LEU C 79 11.31 11.18 -37.14
C LEU C 79 10.98 12.65 -36.89
N LEU C 80 9.91 12.90 -36.13
CA LEU C 80 9.54 14.26 -35.80
C LEU C 80 10.65 14.96 -35.04
N PHE C 81 11.26 14.26 -34.08
CA PHE C 81 12.36 14.85 -33.33
C PHE C 81 13.47 15.31 -34.26
N VAL C 82 13.93 14.43 -35.13
CA VAL C 82 15.08 14.76 -35.97
C VAL C 82 14.74 15.94 -36.88
N PHE C 83 13.59 15.88 -37.58
CA PHE C 83 13.28 16.94 -38.53
C PHE C 83 13.02 18.27 -37.81
N SER C 84 12.26 18.25 -36.72
CA SER C 84 11.97 19.49 -36.01
C SER C 84 13.24 20.11 -35.44
N LEU C 85 14.13 19.28 -34.87
CA LEU C 85 15.37 19.81 -34.35
C LEU C 85 16.21 20.44 -35.45
N LEU C 86 16.33 19.76 -36.59
CA LEU C 86 17.11 20.33 -37.69
C LEU C 86 16.51 21.65 -38.17
N GLY C 87 15.19 21.70 -38.35
CA GLY C 87 14.57 22.91 -38.86
C GLY C 87 14.72 24.08 -37.91
N ASN C 88 14.43 23.85 -36.63
CA ASN C 88 14.55 24.93 -35.65
C ASN C 88 16.00 25.37 -35.49
N SER C 89 16.93 24.43 -35.50
CA SER C 89 18.34 24.80 -35.41
C SER C 89 18.76 25.65 -36.59
N LEU C 90 18.33 25.29 -37.80
CA LEU C 90 18.67 26.10 -38.97
C LEU C 90 18.07 27.50 -38.87
N VAL C 91 16.81 27.59 -38.43
CA VAL C 91 16.17 28.90 -38.34
C VAL C 91 16.92 29.79 -37.34
N ILE C 92 17.20 29.25 -36.16
CA ILE C 92 17.93 30.03 -35.16
C ILE C 92 19.31 30.38 -35.66
N LEU C 93 19.96 29.45 -36.37
CA LEU C 93 21.29 29.69 -36.89
C LEU C 93 21.29 30.88 -37.84
N VAL C 94 20.37 30.89 -38.81
CA VAL C 94 20.33 31.99 -39.76
C VAL C 94 20.02 33.29 -39.04
N LEU C 95 19.01 33.29 -38.18
CA LEU C 95 18.60 34.53 -37.53
C LEU C 95 19.69 35.10 -36.64
N VAL C 96 20.51 34.25 -36.02
CA VAL C 96 21.50 34.72 -35.07
C VAL C 96 22.88 34.96 -35.71
N VAL C 97 23.15 34.36 -36.86
CA VAL C 97 24.46 34.51 -37.51
C VAL C 97 24.40 35.55 -38.62
N CYS C 98 23.44 35.44 -39.54
CA CYS C 98 23.40 36.32 -40.69
C CYS C 98 22.57 37.57 -40.44
N LYS C 99 22.01 37.74 -39.25
CA LYS C 99 21.29 38.95 -38.89
C LYS C 99 21.44 39.18 -37.40
N LYS C 100 21.24 40.44 -37.00
CA LYS C 100 21.31 40.83 -35.59
C LYS C 100 19.93 41.06 -35.00
N LEU C 101 18.89 40.48 -35.62
CA LEU C 101 17.51 40.67 -35.18
C LEU C 101 17.15 42.15 -35.14
N ARG C 102 17.67 42.90 -36.12
CA ARG C 102 17.36 44.32 -36.19
C ARG C 102 15.87 44.56 -36.37
N SER C 103 15.24 43.80 -37.26
CA SER C 103 13.80 43.93 -37.46
C SER C 103 13.04 43.40 -36.25
N ILE C 104 11.90 44.03 -35.97
CA ILE C 104 11.03 43.53 -34.90
C ILE C 104 10.47 42.17 -35.28
N THR C 105 10.21 41.95 -36.57
CA THR C 105 9.62 40.69 -37.00
C THR C 105 10.48 39.49 -36.63
N ASP C 106 11.81 39.67 -36.56
CA ASP C 106 12.70 38.55 -36.30
C ASP C 106 12.68 38.08 -34.85
N VAL C 107 12.40 38.98 -33.92
CA VAL C 107 12.39 38.60 -32.51
C VAL C 107 11.29 37.59 -32.23
N TYR C 108 10.10 37.81 -32.78
CA TYR C 108 9.01 36.86 -32.59
C TYR C 108 9.34 35.51 -33.21
N LEU C 109 10.00 35.50 -34.37
CA LEU C 109 10.41 34.24 -34.98
C LEU C 109 11.42 33.51 -34.09
N LEU C 110 12.37 34.25 -33.52
CA LEU C 110 13.34 33.63 -32.62
C LEU C 110 12.63 33.00 -31.43
N ASN C 111 11.68 33.71 -30.84
CA ASN C 111 10.96 33.16 -29.70
C ASN C 111 10.10 31.96 -30.09
N LEU C 112 9.53 31.99 -31.29
CA LEU C 112 8.75 30.85 -31.76
C LEU C 112 9.63 29.61 -31.94
N ALA C 113 10.85 29.80 -32.47
CA ALA C 113 11.77 28.68 -32.59
C ALA C 113 12.18 28.15 -31.23
N LEU C 114 12.47 29.05 -30.27
CA LEU C 114 12.80 28.61 -28.92
C LEU C 114 11.63 27.89 -28.26
N SER C 115 10.40 28.21 -28.65
CA SER C 115 9.24 27.47 -28.16
C SER C 115 9.15 26.09 -28.79
N ASP C 116 9.41 26.00 -30.10
CA ASP C 116 9.38 24.69 -30.75
C ASP C 116 10.42 23.75 -30.19
N LEU C 117 11.59 24.28 -29.82
CA LEU C 117 12.59 23.42 -29.20
C LEU C 117 12.09 22.79 -27.92
N LEU C 118 11.17 23.45 -27.21
CA LEU C 118 10.61 22.87 -26.00
C LEU C 118 9.80 21.61 -26.32
N PHE C 119 9.01 21.63 -27.40
CA PHE C 119 8.40 20.39 -27.86
C PHE C 119 9.46 19.36 -28.24
N VAL C 120 10.48 19.81 -28.95
CA VAL C 120 11.48 18.86 -29.46
C VAL C 120 12.13 18.10 -28.30
N PHE C 121 12.36 18.79 -27.18
CA PHE C 121 13.07 18.18 -26.07
C PHE C 121 12.24 17.15 -25.32
N SER C 122 10.92 17.12 -25.50
CA SER C 122 10.08 16.16 -24.79
C SER C 122 9.87 14.87 -25.56
N PHE C 123 10.31 14.77 -26.81
CA PHE C 123 10.11 13.54 -27.58
C PHE C 123 10.87 12.36 -27.00
N PRO C 124 12.18 12.43 -26.76
CA PRO C 124 12.91 11.22 -26.32
C PRO C 124 12.33 10.58 -25.07
N PHE C 125 11.84 11.36 -24.11
CA PHE C 125 11.20 10.77 -22.95
C PHE C 125 9.95 9.99 -23.36
N GLN C 126 9.16 10.54 -24.28
CA GLN C 126 7.98 9.82 -24.74
C GLN C 126 8.36 8.54 -25.49
N THR C 127 9.43 8.58 -26.29
CA THR C 127 9.86 7.38 -26.98
C THR C 127 10.29 6.31 -25.99
N TYR C 128 11.06 6.70 -24.97
CA TYR C 128 11.47 5.73 -23.95
C TYR C 128 10.33 5.34 -23.03
N TYR C 129 9.22 6.05 -23.05
CA TYR C 129 8.03 5.66 -22.31
C TYR C 129 7.18 4.67 -23.07
N LEU C 130 7.01 4.86 -24.38
CA LEU C 130 6.26 3.90 -25.18
C LEU C 130 6.92 2.52 -25.11
N LEU C 131 8.22 2.47 -25.35
CA LEU C 131 9.00 1.29 -25.04
C LEU C 131 9.29 1.24 -23.54
N ASP C 132 9.30 0.04 -22.97
CA ASP C 132 9.58 -0.14 -21.55
C ASP C 132 8.57 0.68 -20.76
N GLN C 133 9.00 1.56 -19.85
CA GLN C 133 8.08 2.29 -18.97
C GLN C 133 8.79 3.53 -18.45
N TRP C 134 8.08 4.27 -17.61
CA TRP C 134 8.59 5.54 -17.07
C TRP C 134 9.52 5.26 -15.90
N VAL C 135 10.80 5.62 -16.05
CA VAL C 135 11.81 5.35 -15.04
C VAL C 135 12.48 6.62 -14.54
N PHE C 136 11.96 7.80 -14.87
CA PHE C 136 12.63 9.05 -14.58
C PHE C 136 12.21 9.70 -13.27
N GLY C 137 11.19 9.17 -12.59
CA GLY C 137 10.76 9.74 -11.34
C GLY C 137 9.61 10.72 -11.48
N THR C 138 9.35 11.44 -10.39
CA THR C 138 8.22 12.36 -10.36
C THR C 138 8.61 13.77 -10.79
N VAL C 139 9.82 14.21 -10.43
CA VAL C 139 10.26 15.55 -10.83
C VAL C 139 10.31 15.65 -12.34
N MET C 140 10.87 14.63 -13.00
CA MET C 140 10.87 14.62 -14.46
C MET C 140 9.46 14.49 -15.02
N CYS C 141 8.60 13.74 -14.34
CA CYS C 141 7.21 13.64 -14.77
C CYS C 141 6.54 15.01 -14.81
N LYS C 142 6.86 15.86 -13.83
CA LYS C 142 6.33 17.22 -13.84
C LYS C 142 7.01 18.07 -14.91
N VAL C 143 8.33 17.95 -15.03
CA VAL C 143 9.09 18.86 -15.88
C VAL C 143 8.76 18.63 -17.35
N VAL C 144 8.60 17.38 -17.77
CA VAL C 144 8.31 17.11 -19.18
C VAL C 144 6.95 17.67 -19.57
N SER C 145 5.94 17.45 -18.72
CA SER C 145 4.64 18.04 -18.99
C SER C 145 4.70 19.55 -18.96
N GLY C 146 5.51 20.13 -18.09
CA GLY C 146 5.70 21.57 -18.10
C GLY C 146 6.27 22.05 -19.43
N PHE C 147 7.27 21.35 -19.95
CA PHE C 147 7.80 21.67 -21.27
C PHE C 147 6.68 21.65 -22.31
N TYR C 148 5.91 20.57 -22.32
CA TYR C 148 4.84 20.44 -23.31
C TYR C 148 3.88 21.61 -23.25
N TYR C 149 3.35 21.89 -22.05
CA TYR C 149 2.29 22.90 -21.93
C TYR C 149 2.83 24.31 -22.14
N ILE C 150 4.03 24.60 -21.62
CA ILE C 150 4.62 25.91 -21.85
C ILE C 150 4.87 26.13 -23.33
N GLY C 151 5.39 25.11 -24.03
CA GLY C 151 5.57 25.23 -25.46
C GLY C 151 4.27 25.52 -26.18
N PHE C 152 3.22 24.77 -25.85
CA PHE C 152 1.93 24.99 -26.47
C PHE C 152 1.45 26.42 -26.27
N TYR C 153 1.41 26.87 -25.02
CA TYR C 153 0.88 28.19 -24.71
C TYR C 153 1.71 29.29 -25.36
N SER C 154 3.03 29.20 -25.24
CA SER C 154 3.88 30.26 -25.77
C SER C 154 3.79 30.32 -27.29
N SER C 155 3.81 29.17 -27.96
CA SER C 155 3.70 29.17 -29.41
C SER C 155 2.32 29.65 -29.85
N MET C 156 1.30 29.46 -29.03
CA MET C 156 -0.03 29.92 -29.40
C MET C 156 -0.14 31.43 -29.24
N PHE C 157 0.51 32.00 -28.21
CA PHE C 157 0.45 33.43 -27.98
C PHE C 157 1.32 34.20 -28.96
N PHE C 158 2.48 33.65 -29.34
CA PHE C 158 3.37 34.40 -30.21
C PHE C 158 2.76 34.60 -31.59
N ILE C 159 1.94 33.65 -32.04
CA ILE C 159 1.26 33.82 -33.32
C ILE C 159 0.26 34.97 -33.22
N THR C 160 -0.43 35.10 -32.10
CA THR C 160 -1.32 36.23 -31.90
C THR C 160 -0.56 37.54 -31.92
N LEU C 161 0.62 37.57 -31.29
CA LEU C 161 1.43 38.78 -31.32
C LEU C 161 1.82 39.12 -32.76
N MET C 162 2.22 38.12 -33.54
CA MET C 162 2.57 38.37 -34.94
C MET C 162 1.38 38.92 -35.72
N SER C 163 0.21 38.33 -35.50
CA SER C 163 -0.98 38.79 -36.23
C SER C 163 -1.33 40.22 -35.86
N VAL C 164 -1.27 40.54 -34.57
CA VAL C 164 -1.57 41.90 -34.13
C VAL C 164 -0.56 42.88 -34.73
N ASP C 165 0.72 42.50 -34.74
CA ASP C 165 1.75 43.37 -35.32
C ASP C 165 1.48 43.61 -36.80
N ARG C 166 1.12 42.55 -37.53
CA ARG C 166 0.88 42.71 -38.96
C ARG C 166 -0.34 43.58 -39.22
N TYR C 167 -1.41 43.40 -38.45
CA TYR C 167 -2.55 44.31 -38.54
C TYR C 167 -2.12 45.75 -38.29
N LEU C 168 -1.38 45.98 -37.20
CA LEU C 168 -0.98 47.32 -36.83
C LEU C 168 -0.17 47.98 -37.93
N ALA C 169 0.66 47.19 -38.62
CA ALA C 169 1.41 47.74 -39.75
C ALA C 169 0.50 48.05 -40.92
N VAL C 170 -0.27 47.06 -41.39
CA VAL C 170 -1.01 47.21 -42.64
C VAL C 170 -2.03 48.32 -42.53
N VAL C 171 -2.77 48.38 -41.42
CA VAL C 171 -3.89 49.31 -41.28
C VAL C 171 -3.46 50.62 -40.65
N HIS C 172 -2.71 50.55 -39.55
CA HIS C 172 -2.31 51.72 -38.78
C HIS C 172 -0.87 52.15 -39.09
N ALA C 173 -0.44 52.04 -40.35
CA ALA C 173 0.95 52.29 -40.71
C ALA C 173 1.46 53.62 -40.17
N VAL C 174 0.62 54.66 -40.21
CA VAL C 174 1.06 55.99 -39.79
C VAL C 174 1.55 55.95 -38.34
N TYR C 175 0.78 55.32 -37.47
CA TYR C 175 1.17 55.22 -36.06
C TYR C 175 2.13 54.07 -35.81
N ALA C 176 2.32 53.17 -36.78
CA ALA C 176 3.10 51.96 -36.55
C ALA C 176 4.54 52.28 -36.17
N LEU C 177 5.11 53.34 -36.74
CA LEU C 177 6.54 53.59 -36.58
C LEU C 177 6.92 53.73 -35.11
N LYS C 178 6.03 54.27 -34.28
CA LYS C 178 6.36 54.46 -32.87
C LYS C 178 6.44 53.13 -32.13
N VAL C 179 5.48 52.24 -32.37
CA VAL C 179 5.39 51.00 -31.60
C VAL C 179 6.46 50.00 -32.03
N ARG C 180 6.73 49.92 -33.33
CA ARG C 180 7.65 48.91 -33.87
C ARG C 180 9.08 49.28 -33.52
N THR C 181 9.50 48.86 -32.32
CA THR C 181 10.86 49.02 -31.86
C THR C 181 11.28 47.76 -31.11
N ILE C 182 12.58 47.66 -30.83
CA ILE C 182 13.12 46.45 -30.20
C ILE C 182 12.60 46.33 -28.76
N ARG C 183 12.45 47.46 -28.07
CA ARG C 183 12.03 47.42 -26.67
C ARG C 183 10.64 46.81 -26.54
N MET C 184 9.72 47.18 -27.43
CA MET C 184 8.38 46.60 -27.39
C MET C 184 8.43 45.09 -27.59
N GLY C 185 9.22 44.62 -28.55
CA GLY C 185 9.33 43.19 -28.77
C GLY C 185 9.86 42.47 -27.55
N THR C 186 10.93 43.02 -26.95
CA THR C 186 11.51 42.38 -25.77
C THR C 186 10.49 42.30 -24.64
N THR C 187 9.82 43.42 -24.35
CA THR C 187 8.87 43.46 -23.24
C THR C 187 7.71 42.51 -23.49
N LEU C 188 7.16 42.51 -24.71
CA LEU C 188 6.03 41.63 -25.00
C LEU C 188 6.44 40.17 -24.94
N CYS C 189 7.65 39.84 -25.39
CA CYS C 189 8.10 38.46 -25.32
C CYS C 189 8.25 38.01 -23.88
N LEU C 190 8.85 38.85 -23.03
CA LEU C 190 8.97 38.50 -21.63
C LEU C 190 7.60 38.30 -20.99
N ALA C 191 6.66 39.21 -21.29
CA ALA C 191 5.32 39.09 -20.75
C ALA C 191 4.66 37.79 -21.20
N VAL C 192 4.84 37.43 -22.47
CA VAL C 192 4.24 36.22 -23.00
C VAL C 192 4.81 34.99 -22.30
N TRP C 193 6.13 34.97 -22.11
CA TRP C 193 6.75 33.82 -21.45
C TRP C 193 6.25 33.67 -20.01
N LEU C 194 6.19 34.78 -19.27
CA LEU C 194 5.66 34.71 -17.91
C LEU C 194 4.20 34.28 -17.90
N THR C 195 3.40 34.79 -18.84
CA THR C 195 2.00 34.39 -18.89
C THR C 195 1.85 32.91 -19.15
N ALA C 196 2.65 32.37 -20.08
CA ALA C 196 2.58 30.94 -20.37
C ALA C 196 2.99 30.12 -19.15
N ILE C 197 4.05 30.52 -18.46
CA ILE C 197 4.49 29.78 -17.28
C ILE C 197 3.42 29.81 -16.21
N MET C 198 2.82 30.99 -15.96
CA MET C 198 1.78 31.08 -14.95
C MET C 198 0.57 30.23 -15.31
N ALA C 199 0.17 30.25 -16.59
CA ALA C 199 -0.95 29.43 -17.00
C ALA C 199 -0.65 27.95 -16.91
N THR C 200 0.62 27.56 -17.02
CA THR C 200 0.99 26.16 -16.91
C THR C 200 1.10 25.69 -15.46
N ILE C 201 1.40 26.60 -14.54
CA ILE C 201 1.60 26.20 -13.14
C ILE C 201 0.46 25.33 -12.61
N PRO C 202 -0.81 25.67 -12.81
CA PRO C 202 -1.88 24.86 -12.21
C PRO C 202 -1.87 23.40 -12.63
N LEU C 203 -1.47 23.08 -13.86
CA LEU C 203 -1.55 21.70 -14.33
C LEU C 203 -0.49 20.83 -13.67
N LEU C 204 0.71 21.36 -13.46
CA LEU C 204 1.83 20.52 -13.04
C LEU C 204 1.61 19.93 -11.65
N VAL C 205 0.91 20.67 -10.78
CA VAL C 205 0.81 20.24 -9.38
C VAL C 205 0.18 18.87 -9.24
N PHE C 206 -0.52 18.37 -10.27
CA PHE C 206 -1.21 17.09 -10.18
C PHE C 206 -0.49 15.95 -10.89
N TYR C 207 0.53 16.23 -11.71
CA TYR C 207 1.24 15.17 -12.40
C TYR C 207 2.17 14.44 -11.44
N GLN C 208 2.21 13.11 -11.55
CA GLN C 208 3.06 12.31 -10.70
C GLN C 208 3.16 10.91 -11.28
N VAL C 209 4.00 10.09 -10.66
CA VAL C 209 4.24 8.72 -11.10
C VAL C 209 3.35 7.78 -10.29
N ALA C 210 2.83 6.76 -10.95
CA ALA C 210 1.99 5.75 -10.32
C ALA C 210 2.42 4.37 -10.79
N SER C 211 2.22 3.39 -9.91
CA SER C 211 2.58 2.00 -10.17
C SER C 211 1.29 1.20 -10.34
N GLU C 212 1.05 0.72 -11.56
CA GLU C 212 -0.10 -0.13 -11.87
C GLU C 212 0.38 -1.58 -11.86
N ASP C 213 0.59 -2.10 -10.66
CA ASP C 213 1.06 -3.48 -10.48
C ASP C 213 2.47 -3.65 -11.04
N GLY C 214 3.36 -2.75 -10.64
CA GLY C 214 4.75 -2.82 -11.02
C GLY C 214 5.13 -2.06 -12.27
N VAL C 215 4.15 -1.60 -13.03
CA VAL C 215 4.41 -0.84 -14.26
C VAL C 215 4.25 0.64 -13.93
N LEU C 216 5.29 1.41 -14.20
CA LEU C 216 5.30 2.82 -13.85
C LEU C 216 4.69 3.66 -14.97
N GLN C 217 4.00 4.74 -14.57
CA GLN C 217 3.42 5.64 -15.56
C GLN C 217 3.30 7.03 -14.97
N CYS C 218 3.55 8.03 -15.80
CA CYS C 218 3.45 9.44 -15.43
C CYS C 218 2.09 9.97 -15.87
N TYR C 219 1.29 10.45 -14.91
CA TYR C 219 -0.08 10.83 -15.20
C TYR C 219 -0.58 11.74 -14.07
N SER C 220 -1.70 12.40 -14.32
CA SER C 220 -2.29 13.32 -13.35
C SER C 220 -3.51 12.69 -12.70
N PHE C 221 -3.56 12.73 -11.37
CA PHE C 221 -4.61 12.08 -10.59
C PHE C 221 -5.35 13.10 -9.75
N TYR C 222 -6.67 13.00 -9.72
CA TYR C 222 -7.53 13.91 -8.99
C TYR C 222 -8.42 13.13 -8.04
N ASN C 223 -8.57 13.64 -6.81
CA ASN C 223 -9.57 13.11 -5.91
C ASN C 223 -10.94 13.68 -6.25
N GLN C 224 -11.98 13.14 -5.61
CA GLN C 224 -13.31 13.66 -5.83
C GLN C 224 -13.46 15.08 -5.29
N GLN C 225 -12.54 15.52 -4.43
CA GLN C 225 -12.55 16.89 -3.94
C GLN C 225 -11.86 17.84 -4.93
N THR C 226 -10.68 17.45 -5.42
CA THR C 226 -9.92 18.29 -6.33
C THR C 226 -10.34 18.13 -7.78
N LEU C 227 -11.39 17.35 -8.06
CA LEU C 227 -11.78 17.11 -9.44
C LEU C 227 -12.20 18.40 -10.15
N LYS C 228 -12.65 19.41 -9.40
CA LYS C 228 -13.09 20.65 -10.03
C LYS C 228 -11.97 21.31 -10.81
N TRP C 229 -10.73 21.19 -10.33
CA TRP C 229 -9.62 21.81 -11.02
C TRP C 229 -9.37 21.18 -12.39
N LYS C 230 -9.74 19.91 -12.56
CA LYS C 230 -9.61 19.30 -13.88
C LYS C 230 -10.50 20.00 -14.90
N ILE C 231 -11.77 20.23 -14.53
CA ILE C 231 -12.68 20.95 -15.42
C ILE C 231 -12.19 22.37 -15.64
N PHE C 232 -11.73 23.02 -14.56
CA PHE C 232 -11.25 24.38 -14.68
C PHE C 232 -10.10 24.46 -15.66
N THR C 233 -9.14 23.53 -15.57
CA THR C 233 -7.99 23.57 -16.45
C THR C 233 -8.37 23.23 -17.88
N ASN C 234 -9.30 22.29 -18.07
CA ASN C 234 -9.75 21.98 -19.43
C ASN C 234 -10.35 23.22 -20.09
N PHE C 235 -11.27 23.90 -19.39
CA PHE C 235 -11.88 25.07 -19.99
C PHE C 235 -10.89 26.22 -20.12
N LYS C 236 -9.95 26.35 -19.17
CA LYS C 236 -8.91 27.35 -19.30
C LYS C 236 -8.13 27.14 -20.58
N MET C 237 -7.66 25.91 -20.81
CA MET C 237 -6.96 25.60 -22.03
C MET C 237 -7.80 25.99 -23.24
N ASN C 238 -9.04 25.51 -23.27
CA ASN C 238 -9.89 25.79 -24.44
C ASN C 238 -9.99 27.29 -24.71
N ILE C 239 -10.59 28.03 -23.78
CA ILE C 239 -10.86 29.45 -24.04
C ILE C 239 -9.56 30.23 -24.25
N LEU C 240 -8.58 30.04 -23.36
CA LEU C 240 -7.37 30.85 -23.44
C LEU C 240 -6.59 30.56 -24.73
N GLY C 241 -6.47 29.30 -25.12
CA GLY C 241 -5.59 28.93 -26.20
C GLY C 241 -6.22 28.82 -27.57
N LEU C 242 -7.55 28.79 -27.68
CA LEU C 242 -8.20 28.73 -28.97
C LEU C 242 -9.04 29.97 -29.27
N LEU C 243 -9.99 30.30 -28.39
CA LEU C 243 -11.01 31.28 -28.74
C LEU C 243 -10.40 32.68 -28.91
N ILE C 244 -9.62 33.13 -27.92
CA ILE C 244 -9.11 34.49 -27.95
C ILE C 244 -8.15 34.64 -29.12
N PRO C 245 -7.17 33.75 -29.30
CA PRO C 245 -6.33 33.83 -30.51
C PRO C 245 -7.14 33.79 -31.79
N PHE C 246 -8.13 32.90 -31.87
CA PHE C 246 -8.95 32.80 -33.08
C PHE C 246 -9.71 34.10 -33.32
N THR C 247 -10.24 34.69 -32.26
CA THR C 247 -10.96 35.96 -32.41
C THR C 247 -10.03 37.05 -32.92
N ILE C 248 -8.81 37.11 -32.37
CA ILE C 248 -7.86 38.13 -32.82
C ILE C 248 -7.52 37.94 -34.29
N PHE C 249 -7.28 36.69 -34.71
CA PHE C 249 -7.03 36.43 -36.12
C PHE C 249 -8.21 36.85 -36.98
N MET C 250 -9.43 36.51 -36.55
CA MET C 250 -10.61 36.85 -37.32
C MET C 250 -10.72 38.35 -37.49
N PHE C 251 -10.51 39.10 -36.41
CA PHE C 251 -10.61 40.56 -36.51
C PHE C 251 -9.52 41.12 -37.42
N CYS C 252 -8.29 40.64 -37.28
CA CYS C 252 -7.17 41.25 -37.99
C CYS C 252 -7.22 40.94 -39.49
N TYR C 253 -7.42 39.68 -39.85
CA TYR C 253 -7.15 39.26 -41.21
C TYR C 253 -8.28 39.59 -42.18
N ILE C 254 -9.53 39.70 -41.72
CA ILE C 254 -10.55 40.23 -42.61
C ILE C 254 -10.16 41.64 -43.06
N LYS C 255 -9.71 42.47 -42.12
CA LYS C 255 -9.31 43.83 -42.47
C LYS C 255 -8.06 43.85 -43.34
N ILE C 256 -7.08 43.02 -43.02
CA ILE C 256 -5.85 43.02 -43.82
C ILE C 256 -6.15 42.57 -45.25
N LEU C 257 -6.97 41.53 -45.41
CA LEU C 257 -7.36 41.11 -46.76
C LEU C 257 -8.13 42.22 -47.46
N HIS C 258 -9.05 42.86 -46.75
CA HIS C 258 -9.81 43.96 -47.33
C HIS C 258 -8.88 45.05 -47.87
N GLN C 259 -7.81 45.35 -47.12
CA GLN C 259 -6.89 46.39 -47.55
C GLN C 259 -5.96 45.93 -48.66
N LEU C 260 -5.53 44.67 -48.64
CA LEU C 260 -4.43 44.20 -49.48
C LEU C 260 -4.88 43.56 -50.79
N LYS C 261 -6.04 42.90 -50.80
CA LYS C 261 -6.44 42.16 -52.00
C LYS C 261 -6.52 43.06 -53.22
N ARG C 262 -6.84 44.34 -53.03
CA ARG C 262 -7.02 45.26 -54.14
C ARG C 262 -5.87 46.25 -54.21
N ILE C 272 0.36 39.86 -45.35
CA ILE C 272 0.76 39.01 -46.46
C ILE C 272 0.39 37.57 -46.19
N ARG C 273 0.52 36.71 -47.21
CA ARG C 273 0.04 35.34 -47.10
C ARG C 273 0.77 34.55 -46.03
N LEU C 274 1.99 34.94 -45.68
CA LEU C 274 2.81 34.16 -44.77
C LEU C 274 2.11 33.94 -43.44
N VAL C 275 1.77 35.01 -42.73
CA VAL C 275 1.22 34.88 -41.39
C VAL C 275 -0.18 34.26 -41.45
N LEU C 276 -0.92 34.53 -42.53
CA LEU C 276 -2.23 33.89 -42.69
C LEU C 276 -2.09 32.38 -42.76
N ILE C 277 -1.16 31.89 -43.59
CA ILE C 277 -0.91 30.46 -43.68
C ILE C 277 -0.46 29.93 -42.34
N VAL C 278 0.38 30.69 -41.64
CA VAL C 278 0.87 30.25 -40.33
C VAL C 278 -0.31 30.03 -39.39
N VAL C 279 -1.23 30.99 -39.33
CA VAL C 279 -2.33 30.90 -38.38
C VAL C 279 -3.26 29.76 -38.77
N ILE C 280 -3.56 29.61 -40.06
CA ILE C 280 -4.50 28.57 -40.46
C ILE C 280 -3.92 27.20 -40.14
N ALA C 281 -2.62 27.02 -40.41
CA ALA C 281 -1.97 25.76 -40.08
C ALA C 281 -1.99 25.51 -38.57
N SER C 282 -1.55 26.50 -37.80
CA SER C 282 -1.46 26.31 -36.36
C SER C 282 -2.81 26.24 -35.68
N LEU C 283 -3.88 26.64 -36.38
CA LEU C 283 -5.23 26.48 -35.83
C LEU C 283 -5.82 25.13 -36.21
N LEU C 284 -5.60 24.68 -37.45
CA LEU C 284 -6.12 23.38 -37.84
C LEU C 284 -5.37 22.26 -37.13
N PHE C 285 -4.11 22.50 -36.75
CA PHE C 285 -3.38 21.48 -36.00
C PHE C 285 -3.97 21.27 -34.61
N TRP C 286 -4.36 22.35 -33.93
CA TRP C 286 -4.79 22.28 -32.55
C TRP C 286 -6.29 22.21 -32.37
N VAL C 287 -7.08 22.59 -33.38
CA VAL C 287 -8.53 22.60 -33.22
C VAL C 287 -9.09 21.21 -32.93
N PRO C 288 -8.64 20.14 -33.59
CA PRO C 288 -9.16 18.82 -33.17
C PRO C 288 -8.86 18.52 -31.72
N PHE C 289 -7.68 18.90 -31.24
CA PHE C 289 -7.34 18.68 -29.84
C PHE C 289 -8.27 19.45 -28.93
N ASN C 290 -8.54 20.72 -29.26
CA ASN C 290 -9.44 21.52 -28.43
C ASN C 290 -10.85 20.95 -28.46
N VAL C 291 -11.30 20.48 -29.61
CA VAL C 291 -12.65 19.93 -29.72
C VAL C 291 -12.78 18.67 -28.89
N VAL C 292 -11.79 17.78 -28.97
CA VAL C 292 -11.86 16.54 -28.19
C VAL C 292 -11.77 16.85 -26.71
N LEU C 293 -10.98 17.85 -26.33
CA LEU C 293 -10.93 18.24 -24.92
C LEU C 293 -12.26 18.82 -24.46
N PHE C 294 -12.92 19.60 -25.31
CA PHE C 294 -14.24 20.13 -24.98
C PHE C 294 -15.24 19.00 -24.77
N LEU C 295 -15.22 18.01 -25.67
CA LEU C 295 -16.10 16.86 -25.51
C LEU C 295 -15.81 16.11 -24.22
N THR C 296 -14.51 15.92 -23.91
CA THR C 296 -14.13 15.24 -22.68
C THR C 296 -14.66 15.99 -21.45
N SER C 297 -14.50 17.32 -21.45
CA SER C 297 -15.00 18.12 -20.33
C SER C 297 -16.51 18.01 -20.21
N LEU C 298 -17.23 18.03 -21.34
CA LEU C 298 -18.68 17.87 -21.28
C LEU C 298 -19.05 16.51 -20.70
N HIS C 299 -18.34 15.45 -21.12
CA HIS C 299 -18.63 14.12 -20.60
C HIS C 299 -18.46 14.05 -19.09
N SER C 300 -17.38 14.64 -18.58
CA SER C 300 -17.13 14.65 -17.14
C SER C 300 -18.18 15.49 -16.43
N SER C 308 -19.85 3.89 -23.77
CA SER C 308 -19.18 3.42 -24.98
C SER C 308 -18.39 4.54 -25.65
N ILE C 309 -18.87 5.78 -25.49
CA ILE C 309 -18.21 6.93 -26.10
C ILE C 309 -16.75 7.04 -25.66
N SER C 310 -16.41 6.44 -24.52
CA SER C 310 -15.06 6.61 -23.97
C SER C 310 -13.99 6.08 -24.90
N GLN C 311 -14.23 4.92 -25.52
CA GLN C 311 -13.19 4.28 -26.32
C GLN C 311 -12.83 5.11 -27.56
N GLN C 312 -13.83 5.52 -28.34
CA GLN C 312 -13.53 6.33 -29.51
C GLN C 312 -13.06 7.72 -29.11
N LEU C 313 -13.52 8.26 -27.97
CA LEU C 313 -12.98 9.54 -27.52
C LEU C 313 -11.51 9.42 -27.17
N THR C 314 -11.11 8.33 -26.51
CA THR C 314 -9.70 8.12 -26.20
C THR C 314 -8.88 7.97 -27.48
N TYR C 315 -9.39 7.21 -28.45
CA TYR C 315 -8.69 7.08 -29.72
C TYR C 315 -8.55 8.45 -30.39
N ALA C 316 -9.61 9.26 -30.33
CA ALA C 316 -9.59 10.58 -30.96
C ALA C 316 -8.54 11.47 -30.32
N THR C 317 -8.52 11.54 -28.99
CA THR C 317 -7.51 12.37 -28.34
C THR C 317 -6.09 11.86 -28.63
N HIS C 318 -5.91 10.53 -28.63
CA HIS C 318 -4.60 9.96 -28.91
C HIS C 318 -4.12 10.38 -30.30
N VAL C 319 -5.00 10.27 -31.30
CA VAL C 319 -4.59 10.63 -32.66
C VAL C 319 -4.37 12.13 -32.78
N THR C 320 -5.21 12.93 -32.09
CA THR C 320 -5.09 14.38 -32.19
C THR C 320 -3.76 14.87 -31.61
N GLU C 321 -3.26 14.19 -30.59
CA GLU C 321 -1.94 14.57 -30.06
C GLU C 321 -0.90 14.55 -31.18
N ILE C 322 -0.83 13.43 -31.93
CA ILE C 322 0.11 13.34 -33.04
C ILE C 322 -0.21 14.39 -34.10
N ILE C 323 -1.49 14.58 -34.40
CA ILE C 323 -1.88 15.58 -35.41
C ILE C 323 -1.30 16.95 -35.04
N SER C 324 -1.41 17.31 -33.76
CA SER C 324 -0.92 18.62 -33.32
C SER C 324 0.60 18.70 -33.35
N PHE C 325 1.28 17.61 -32.97
CA PHE C 325 2.73 17.66 -32.80
C PHE C 325 3.46 18.26 -34.01
N THR C 326 2.87 18.18 -35.20
CA THR C 326 3.60 18.53 -36.42
C THR C 326 3.78 20.03 -36.62
N HIS C 327 3.12 20.87 -35.80
CA HIS C 327 3.23 22.32 -36.00
C HIS C 327 4.66 22.80 -35.82
N CYS C 328 5.36 22.26 -34.81
CA CYS C 328 6.73 22.66 -34.57
C CYS C 328 7.64 22.29 -35.73
N CYS C 329 7.40 21.13 -36.35
CA CYS C 329 8.19 20.75 -37.51
C CYS C 329 7.89 21.62 -38.72
N VAL C 330 6.62 21.99 -38.91
CA VAL C 330 6.26 22.70 -40.14
C VAL C 330 6.55 24.19 -40.08
N ASN C 331 6.58 24.80 -38.90
CA ASN C 331 6.84 26.24 -38.83
C ASN C 331 8.15 26.62 -39.51
N PRO C 332 9.29 25.98 -39.19
CA PRO C 332 10.50 26.28 -39.96
C PRO C 332 10.34 26.03 -41.45
N VAL C 333 9.56 25.01 -41.82
CA VAL C 333 9.33 24.74 -43.24
C VAL C 333 8.66 25.94 -43.90
N ILE C 334 7.63 26.49 -43.26
CA ILE C 334 6.94 27.65 -43.82
C ILE C 334 7.90 28.83 -43.94
N TYR C 335 8.67 29.09 -42.87
CA TYR C 335 9.51 30.28 -42.87
C TYR C 335 10.65 30.18 -43.86
N ALA C 336 11.14 28.96 -44.11
CA ALA C 336 12.17 28.77 -45.13
C ALA C 336 11.58 28.80 -46.54
N PHE C 337 10.33 28.34 -46.70
CA PHE C 337 9.72 28.29 -48.02
C PHE C 337 9.32 29.67 -48.50
N VAL C 338 8.76 30.49 -47.61
CA VAL C 338 8.18 31.78 -48.01
C VAL C 338 9.24 32.88 -47.93
N GLY C 339 9.77 33.11 -46.74
CA GLY C 339 10.63 34.26 -46.54
C GLY C 339 11.84 34.23 -47.47
N GLU C 340 12.10 35.37 -48.10
CA GLU C 340 13.28 35.50 -48.96
C GLU C 340 14.56 35.66 -48.15
N LYS C 341 14.46 36.28 -46.98
CA LYS C 341 15.63 36.46 -46.12
C LYS C 341 16.19 35.10 -45.71
N PHE C 342 15.32 34.14 -45.40
CA PHE C 342 15.79 32.80 -45.06
C PHE C 342 16.52 32.17 -46.24
N LYS C 343 15.96 32.31 -47.44
CA LYS C 343 16.57 31.71 -48.63
C LYS C 343 17.95 32.31 -48.88
N LYS C 344 18.07 33.62 -48.72
CA LYS C 344 19.32 34.29 -49.06
C LYS C 344 20.49 33.71 -48.28
N HIS C 345 20.25 33.29 -47.04
CA HIS C 345 21.30 32.75 -46.19
C HIS C 345 21.28 31.22 -46.09
N LEU C 346 20.23 30.57 -46.60
CA LEU C 346 20.22 29.11 -46.67
C LEU C 346 20.85 28.59 -47.94
N SER C 347 20.68 29.30 -49.06
CA SER C 347 21.36 28.90 -50.30
C SER C 347 22.87 28.98 -50.13
N GLU C 348 23.35 29.98 -49.40
CA GLU C 348 24.79 30.11 -49.19
C GLU C 348 25.36 28.90 -48.45
N ILE C 349 24.66 28.42 -47.43
CA ILE C 349 25.12 27.27 -46.66
C ILE C 349 24.77 25.98 -47.40
#